data_1L6B
# 
_entry.id   1L6B 
# 
_audit_conform.dict_name       mmcif_pdbx.dic 
_audit_conform.dict_version    5.386 
_audit_conform.dict_location   http://mmcif.pdb.org/dictionaries/ascii/mmcif_pdbx.dic 
# 
loop_
_database_2.database_id 
_database_2.database_code 
_database_2.pdbx_database_accession 
_database_2.pdbx_DOI 
PDB   1L6B         pdb_00001l6b 10.2210/pdb1l6b/pdb 
NDB   UD0019       ?            ?                   
RCSB  RCSB015679   ?            ?                   
WWPDB D_1000015679 ?            ?                   
# 
loop_
_pdbx_audit_revision_history.ordinal 
_pdbx_audit_revision_history.data_content_type 
_pdbx_audit_revision_history.major_revision 
_pdbx_audit_revision_history.minor_revision 
_pdbx_audit_revision_history.revision_date 
1 'Structure model' 1 0 2002-08-07 
2 'Structure model' 1 1 2008-04-28 
3 'Structure model' 1 2 2011-07-13 
4 'Structure model' 1 3 2024-02-14 
# 
_pdbx_audit_revision_details.ordinal             1 
_pdbx_audit_revision_details.revision_ordinal    1 
_pdbx_audit_revision_details.data_content_type   'Structure model' 
_pdbx_audit_revision_details.provider            repository 
_pdbx_audit_revision_details.type                'Initial release' 
_pdbx_audit_revision_details.description         ? 
_pdbx_audit_revision_details.details             ? 
# 
loop_
_pdbx_audit_revision_group.ordinal 
_pdbx_audit_revision_group.revision_ordinal 
_pdbx_audit_revision_group.data_content_type 
_pdbx_audit_revision_group.group 
1 2 'Structure model' 'Version format compliance' 
2 3 'Structure model' 'Version format compliance' 
3 4 'Structure model' 'Data collection'           
4 4 'Structure model' 'Database references'       
5 4 'Structure model' 'Derived calculations'      
# 
loop_
_pdbx_audit_revision_category.ordinal 
_pdbx_audit_revision_category.revision_ordinal 
_pdbx_audit_revision_category.data_content_type 
_pdbx_audit_revision_category.category 
1 4 'Structure model' chem_comp_atom         
2 4 'Structure model' chem_comp_bond         
3 4 'Structure model' database_2             
4 4 'Structure model' pdbx_struct_conn_angle 
5 4 'Structure model' struct_conn            
6 4 'Structure model' struct_conn_type       
7 4 'Structure model' struct_site            
# 
loop_
_pdbx_audit_revision_item.ordinal 
_pdbx_audit_revision_item.revision_ordinal 
_pdbx_audit_revision_item.data_content_type 
_pdbx_audit_revision_item.item 
1  4 'Structure model' '_database_2.pdbx_DOI'                      
2  4 'Structure model' '_database_2.pdbx_database_accession'       
3  4 'Structure model' '_pdbx_struct_conn_angle.ptnr1_auth_seq_id' 
4  4 'Structure model' '_pdbx_struct_conn_angle.ptnr3_auth_seq_id' 
5  4 'Structure model' '_pdbx_struct_conn_angle.value'             
6  4 'Structure model' '_struct_conn.conn_type_id'                 
7  4 'Structure model' '_struct_conn.id'                           
8  4 'Structure model' '_struct_conn.pdbx_dist_value'              
9  4 'Structure model' '_struct_conn.pdbx_leaving_atom_flag'       
10 4 'Structure model' '_struct_conn.ptnr1_auth_asym_id'           
11 4 'Structure model' '_struct_conn.ptnr1_auth_comp_id'           
12 4 'Structure model' '_struct_conn.ptnr1_auth_seq_id'            
13 4 'Structure model' '_struct_conn.ptnr1_label_asym_id'          
14 4 'Structure model' '_struct_conn.ptnr1_label_atom_id'          
15 4 'Structure model' '_struct_conn.ptnr1_label_comp_id'          
16 4 'Structure model' '_struct_conn.ptnr1_label_seq_id'           
17 4 'Structure model' '_struct_conn.ptnr2_auth_asym_id'           
18 4 'Structure model' '_struct_conn.ptnr2_auth_comp_id'           
19 4 'Structure model' '_struct_conn.ptnr2_auth_seq_id'            
20 4 'Structure model' '_struct_conn.ptnr2_label_asym_id'          
21 4 'Structure model' '_struct_conn.ptnr2_label_atom_id'          
22 4 'Structure model' '_struct_conn.ptnr2_label_comp_id'          
23 4 'Structure model' '_struct_conn.ptnr2_label_seq_id'           
24 4 'Structure model' '_struct_conn_type.id'                      
25 4 'Structure model' '_struct_site.pdbx_auth_asym_id'            
26 4 'Structure model' '_struct_site.pdbx_auth_comp_id'            
27 4 'Structure model' '_struct_site.pdbx_auth_seq_id'             
# 
_pdbx_database_status.status_code                     REL 
_pdbx_database_status.entry_id                        1L6B 
_pdbx_database_status.recvd_initial_deposition_date   2002-03-08 
_pdbx_database_status.deposit_site                    RCSB 
_pdbx_database_status.process_site                    RCSB 
_pdbx_database_status.status_code_sf                  REL 
_pdbx_database_status.SG_entry                        . 
_pdbx_database_status.pdb_format_compatible           Y 
_pdbx_database_status.status_code_mr                  ? 
_pdbx_database_status.status_code_cs                  ? 
_pdbx_database_status.status_code_nmr_data            ? 
_pdbx_database_status.methods_development_category    ? 
# 
loop_
_audit_author.name 
_audit_author.pdbx_ordinal 
'Vargason, J.M.' 1 
'Ho, P.S.'       2 
# 
_citation.id                        primary 
_citation.title                     
;The effect of cytosine methylation on the structure and geometry of the Holliday junction: the structure of d(CCGGTACm5CGG) at 1.5 A resolution.
;
_citation.journal_abbrev            J.Biol.Chem. 
_citation.journal_volume            277 
_citation.page_first                21041 
_citation.page_last                 21049 
_citation.year                      2002 
_citation.journal_id_ASTM           JBCHA3 
_citation.country                   US 
_citation.journal_id_ISSN           0021-9258 
_citation.journal_id_CSD            0071 
_citation.book_publisher            ? 
_citation.pdbx_database_id_PubMed   11919197 
_citation.pdbx_database_id_DOI      10.1074/jbc.M201357200 
# 
loop_
_citation_author.citation_id 
_citation_author.name 
_citation_author.ordinal 
_citation_author.identifier_ORCID 
primary 'Vargason, J.M.' 1 ? 
primary 'Ho, P.S.'       2 ? 
# 
loop_
_entity.id 
_entity.type 
_entity.src_method 
_entity.pdbx_description 
_entity.formula_weight 
_entity.pdbx_number_of_molecules 
_entity.pdbx_ec 
_entity.pdbx_mutation 
_entity.pdbx_fragment 
_entity.details 
1 polymer     syn "5'-D(*CP*CP*GP*GP*TP*AP*CP*(5CM)P*GP*G)-3'" 3060.020 2  ? ? ? ? 
2 non-polymer syn 'CALCIUM ION'                                40.078   1  ? ? ? ? 
3 water       nat water                                        18.015   95 ? ? ? ? 
# 
_entity_poly.entity_id                      1 
_entity_poly.type                           polydeoxyribonucleotide 
_entity_poly.nstd_linkage                   no 
_entity_poly.nstd_monomer                   yes 
_entity_poly.pdbx_seq_one_letter_code       '(DC)(DC)(DG)(DG)(DT)(DA)(DC)(5CM)(DG)(DG)' 
_entity_poly.pdbx_seq_one_letter_code_can   CCGGTACCGG 
_entity_poly.pdbx_strand_id                 A,B 
_entity_poly.pdbx_target_identifier         ? 
# 
loop_
_pdbx_entity_nonpoly.entity_id 
_pdbx_entity_nonpoly.name 
_pdbx_entity_nonpoly.comp_id 
2 'CALCIUM ION' CA  
3 water         HOH 
# 
loop_
_entity_poly_seq.entity_id 
_entity_poly_seq.num 
_entity_poly_seq.mon_id 
_entity_poly_seq.hetero 
1 1  DC  n 
1 2  DC  n 
1 3  DG  n 
1 4  DG  n 
1 5  DT  n 
1 6  DA  n 
1 7  DC  n 
1 8  5CM n 
1 9  DG  n 
1 10 DG  n 
# 
_pdbx_entity_src_syn.entity_id              1 
_pdbx_entity_src_syn.pdbx_src_id            1 
_pdbx_entity_src_syn.pdbx_alt_source_flag   sample 
_pdbx_entity_src_syn.pdbx_beg_seq_num       ? 
_pdbx_entity_src_syn.pdbx_end_seq_num       ? 
_pdbx_entity_src_syn.organism_scientific    ? 
_pdbx_entity_src_syn.organism_common_name   ? 
_pdbx_entity_src_syn.ncbi_taxonomy_id       ? 
_pdbx_entity_src_syn.details                'The sequence is chemically synthesized.' 
# 
loop_
_chem_comp.id 
_chem_comp.type 
_chem_comp.mon_nstd_flag 
_chem_comp.name 
_chem_comp.pdbx_synonyms 
_chem_comp.formula 
_chem_comp.formula_weight 
5CM 'DNA linking' n "5-METHYL-2'-DEOXY-CYTIDINE-5'-MONOPHOSPHATE" ? 'C10 H16 N3 O7 P' 321.224 
CA  non-polymer   . 'CALCIUM ION'                                 ? 'Ca 2'            40.078  
DA  'DNA linking' y "2'-DEOXYADENOSINE-5'-MONOPHOSPHATE"          ? 'C10 H14 N5 O6 P' 331.222 
DC  'DNA linking' y "2'-DEOXYCYTIDINE-5'-MONOPHOSPHATE"           ? 'C9 H14 N3 O7 P'  307.197 
DG  'DNA linking' y "2'-DEOXYGUANOSINE-5'-MONOPHOSPHATE"          ? 'C10 H14 N5 O7 P' 347.221 
DT  'DNA linking' y "THYMIDINE-5'-MONOPHOSPHATE"                  ? 'C10 H15 N2 O8 P' 322.208 
HOH non-polymer   . WATER                                         ? 'H2 O'            18.015  
# 
loop_
_pdbx_poly_seq_scheme.asym_id 
_pdbx_poly_seq_scheme.entity_id 
_pdbx_poly_seq_scheme.seq_id 
_pdbx_poly_seq_scheme.mon_id 
_pdbx_poly_seq_scheme.ndb_seq_num 
_pdbx_poly_seq_scheme.pdb_seq_num 
_pdbx_poly_seq_scheme.auth_seq_num 
_pdbx_poly_seq_scheme.pdb_mon_id 
_pdbx_poly_seq_scheme.auth_mon_id 
_pdbx_poly_seq_scheme.pdb_strand_id 
_pdbx_poly_seq_scheme.pdb_ins_code 
_pdbx_poly_seq_scheme.hetero 
A 1 1  DC  1  1  1  DC  C  A . n 
A 1 2  DC  2  2  2  DC  C  A . n 
A 1 3  DG  3  3  3  DG  G  A . n 
A 1 4  DG  4  4  4  DG  G  A . n 
A 1 5  DT  5  5  5  DT  T  A . n 
A 1 6  DA  6  6  6  DA  A  A . n 
A 1 7  DC  7  7  7  DC  C  A . n 
A 1 8  5CM 8  8  8  5CM +C A . n 
A 1 9  DG  9  9  9  DG  G  A . n 
A 1 10 DG  10 10 10 DG  G  A . n 
B 1 1  DC  1  11 11 DC  C  B . n 
B 1 2  DC  2  12 12 DC  C  B . n 
B 1 3  DG  3  13 13 DG  G  B . n 
B 1 4  DG  4  14 14 DG  G  B . n 
B 1 5  DT  5  15 15 DT  T  B . n 
B 1 6  DA  6  16 16 DA  A  B . n 
B 1 7  DC  7  17 17 DC  C  B . n 
B 1 8  5CM 8  18 18 5CM +C B . n 
B 1 9  DG  9  19 19 DG  G  B . n 
B 1 10 DG  10 20 20 DG  G  B . n 
# 
loop_
_pdbx_nonpoly_scheme.asym_id 
_pdbx_nonpoly_scheme.entity_id 
_pdbx_nonpoly_scheme.mon_id 
_pdbx_nonpoly_scheme.ndb_seq_num 
_pdbx_nonpoly_scheme.pdb_seq_num 
_pdbx_nonpoly_scheme.auth_seq_num 
_pdbx_nonpoly_scheme.pdb_mon_id 
_pdbx_nonpoly_scheme.auth_mon_id 
_pdbx_nonpoly_scheme.pdb_strand_id 
_pdbx_nonpoly_scheme.pdb_ins_code 
C 2 CA  1  21  21  CA  CA  B . 
D 3 HOH 1  22  22  HOH HOH A . 
D 3 HOH 2  23  23  HOH HOH A . 
D 3 HOH 3  24  24  HOH HOH A . 
D 3 HOH 4  28  28  HOH HOH A . 
D 3 HOH 5  29  29  HOH HOH A . 
D 3 HOH 6  30  30  HOH HOH A . 
D 3 HOH 7  31  31  HOH HOH A . 
D 3 HOH 8  32  32  HOH HOH A . 
D 3 HOH 9  33  33  HOH HOH A . 
D 3 HOH 10 34  34  HOH HOH A . 
D 3 HOH 11 35  35  HOH HOH A . 
D 3 HOH 12 36  36  HOH HOH A . 
D 3 HOH 13 39  39  HOH HOH A . 
D 3 HOH 14 40  40  HOH HOH A . 
D 3 HOH 15 54  54  HOH HOH A . 
D 3 HOH 16 61  61  HOH HOH A . 
D 3 HOH 17 64  64  HOH HOH A . 
D 3 HOH 18 65  65  HOH HOH A . 
D 3 HOH 19 67  67  HOH HOH A . 
D 3 HOH 20 68  68  HOH HOH A . 
D 3 HOH 21 70  70  HOH HOH A . 
D 3 HOH 22 75  75  HOH HOH A . 
D 3 HOH 23 78  78  HOH HOH A . 
D 3 HOH 24 85  85  HOH HOH A . 
D 3 HOH 25 86  86  HOH HOH A . 
D 3 HOH 26 87  87  HOH HOH A . 
D 3 HOH 27 88  88  HOH HOH A . 
D 3 HOH 28 90  90  HOH HOH A . 
D 3 HOH 29 91  91  HOH HOH A . 
D 3 HOH 30 93  93  HOH HOH A . 
D 3 HOH 31 94  94  HOH HOH A . 
D 3 HOH 32 96  96  HOH HOH A . 
D 3 HOH 33 99  99  HOH HOH A . 
D 3 HOH 34 100 100 HOH HOH A . 
D 3 HOH 35 101 101 HOH HOH A . 
D 3 HOH 36 102 102 HOH HOH A . 
D 3 HOH 37 103 103 HOH HOH A . 
D 3 HOH 38 108 108 HOH HOH A . 
D 3 HOH 39 109 109 HOH HOH A . 
D 3 HOH 40 110 110 HOH HOH A . 
D 3 HOH 41 113 113 HOH HOH A . 
D 3 HOH 42 114 114 HOH HOH A . 
D 3 HOH 43 115 115 HOH HOH A . 
E 3 HOH 1  25  25  HOH HOH B . 
E 3 HOH 2  26  26  HOH HOH B . 
E 3 HOH 3  27  27  HOH HOH B . 
E 3 HOH 4  37  37  HOH HOH B . 
E 3 HOH 5  38  38  HOH HOH B . 
E 3 HOH 6  41  41  HOH HOH B . 
E 3 HOH 7  42  42  HOH HOH B . 
E 3 HOH 8  43  43  HOH HOH B . 
E 3 HOH 9  44  44  HOH HOH B . 
E 3 HOH 10 45  45  HOH HOH B . 
E 3 HOH 11 46  46  HOH HOH B . 
E 3 HOH 12 47  47  HOH HOH B . 
E 3 HOH 13 48  48  HOH HOH B . 
E 3 HOH 14 49  49  HOH HOH B . 
E 3 HOH 15 50  50  HOH HOH B . 
E 3 HOH 16 51  51  HOH HOH B . 
E 3 HOH 17 52  52  HOH HOH B . 
E 3 HOH 18 53  53  HOH HOH B . 
E 3 HOH 19 55  55  HOH HOH B . 
E 3 HOH 20 56  56  HOH HOH B . 
E 3 HOH 21 57  57  HOH HOH B . 
E 3 HOH 22 58  58  HOH HOH B . 
E 3 HOH 23 59  59  HOH HOH B . 
E 3 HOH 24 60  60  HOH HOH B . 
E 3 HOH 25 62  62  HOH HOH B . 
E 3 HOH 26 63  63  HOH HOH B . 
E 3 HOH 27 66  66  HOH HOH B . 
E 3 HOH 28 69  69  HOH HOH B . 
E 3 HOH 29 71  71  HOH HOH B . 
E 3 HOH 30 72  72  HOH HOH B . 
E 3 HOH 31 73  73  HOH HOH B . 
E 3 HOH 32 74  74  HOH HOH B . 
E 3 HOH 33 76  76  HOH HOH B . 
E 3 HOH 34 77  77  HOH HOH B . 
E 3 HOH 35 79  79  HOH HOH B . 
E 3 HOH 36 80  80  HOH HOH B . 
E 3 HOH 37 81  81  HOH HOH B . 
E 3 HOH 38 82  82  HOH HOH B . 
E 3 HOH 39 83  83  HOH HOH B . 
E 3 HOH 40 84  84  HOH HOH B . 
E 3 HOH 41 89  89  HOH HOH B . 
E 3 HOH 42 92  92  HOH HOH B . 
E 3 HOH 43 95  95  HOH HOH B . 
E 3 HOH 44 97  97  HOH HOH B . 
E 3 HOH 45 98  98  HOH HOH B . 
E 3 HOH 46 104 104 HOH HOH B . 
E 3 HOH 47 105 105 HOH HOH B . 
E 3 HOH 48 106 106 HOH HOH B . 
E 3 HOH 49 107 107 HOH HOH B . 
E 3 HOH 50 111 111 HOH HOH B . 
E 3 HOH 51 112 112 HOH HOH B . 
E 3 HOH 52 116 116 HOH HOH B . 
# 
loop_
_software.name 
_software.classification 
_software.version 
_software.citation_id 
_software.pdbx_ordinal 
X-PLOR    'model building' 'Custom Script - Real Space translation/rotation/rigid body/rigid part search' ? 1 
REFMAC    refinement       5.0                                                                            ? 2 
DENZO     'data reduction' .                                                                              ? 3 
SCALEPACK 'data scaling'   .                                                                              ? 4 
X-PLOR    phasing          'CUSTOM SCRIPT - REAL SPACE TRANSLATION/ROTATION/RIGID BODY/RIGID PART SEARCH' ? 5 
# 
_cell.entry_id           1L6B 
_cell.length_a           65.503 
_cell.length_b           24.704 
_cell.length_c           36.975 
_cell.angle_alpha        90.00 
_cell.angle_beta         110.01 
_cell.angle_gamma        90.00 
_cell.Z_PDB              8 
_cell.pdbx_unique_axis   ? 
# 
_symmetry.entry_id                         1L6B 
_symmetry.space_group_name_H-M             'C 1 2 1' 
_symmetry.pdbx_full_space_group_name_H-M   ? 
_symmetry.cell_setting                     ? 
_symmetry.Int_Tables_number                5 
# 
_exptl.entry_id          1L6B 
_exptl.method            'X-RAY DIFFRACTION' 
_exptl.crystals_number   1 
# 
_exptl_crystal.id                    1 
_exptl_crystal.density_meas          ? 
_exptl_crystal.density_percent_sol   49.84 
_exptl_crystal.density_Matthews      2.45 
_exptl_crystal.description           ? 
# 
_exptl_crystal_grow.crystal_id      1 
_exptl_crystal_grow.method          'VAPOR DIFFUSION, SITTING DROP' 
_exptl_crystal_grow.temp            298 
_exptl_crystal_grow.temp_details    ? 
_exptl_crystal_grow.pH              7.0 
_exptl_crystal_grow.pdbx_details    
'Sodium Cacodylate, CaCl2, Spermine tetrahydrochloride, pH 7.0, VAPOR DIFFUSION, SITTING DROP, temperature 298K' 
_exptl_crystal_grow.pdbx_pH_range   . 
# 
loop_
_exptl_crystal_grow_comp.crystal_id 
_exptl_crystal_grow_comp.id 
_exptl_crystal_grow_comp.sol_id 
_exptl_crystal_grow_comp.name 
_exptl_crystal_grow_comp.conc 
_exptl_crystal_grow_comp.volume 
_exptl_crystal_grow_comp.details 
1 1 1 'Sodium Cacodylate'           ? ? ? 
1 2 1 CaCl2                         ? ? ? 
1 3 1 'Spermine tetrahydrochloride' ? ? ? 
1 4 2 CaCl2                         ? ? ? 
# 
_diffrn.id                     1 
_diffrn.ambient_temp           100 
_diffrn.ambient_temp_details   ? 
_diffrn.crystal_id             1 
# 
_diffrn_detector.diffrn_id              1 
_diffrn_detector.detector               CCD 
_diffrn_detector.type                   'ADSC QUANTUM 4' 
_diffrn_detector.pdbx_collection_date   2001-01-22 
_diffrn_detector.details                ? 
# 
_diffrn_radiation.diffrn_id                        1 
_diffrn_radiation.wavelength_id                    1 
_diffrn_radiation.pdbx_monochromatic_or_laue_m_l   M 
_diffrn_radiation.monochromator                    'Si 111 Chanel' 
_diffrn_radiation.pdbx_diffrn_protocol             'SINGLE WAVELENGTH' 
_diffrn_radiation.pdbx_scattering_type             x-ray 
# 
_diffrn_radiation_wavelength.id           1 
_diffrn_radiation_wavelength.wavelength   1.150 
_diffrn_radiation_wavelength.wt           1.0 
# 
_diffrn_source.diffrn_id                   1 
_diffrn_source.source                      SYNCHROTRON 
_diffrn_source.type                        'ALS BEAMLINE 5.0.2' 
_diffrn_source.pdbx_synchrotron_site       ALS 
_diffrn_source.pdbx_synchrotron_beamline   5.0.2 
_diffrn_source.pdbx_wavelength             ? 
_diffrn_source.pdbx_wavelength_list        1.150 
# 
_reflns.entry_id                     1L6B 
_reflns.observed_criterion_sigma_I   0.0 
_reflns.observed_criterion_sigma_F   0.0 
_reflns.d_resolution_low             16.28 
_reflns.d_resolution_high            1.5 
_reflns.number_obs                   7988 
_reflns.number_all                   7988 
_reflns.percent_possible_obs         87.3 
_reflns.pdbx_Rmerge_I_obs            0.043 
_reflns.pdbx_Rsym_value              ? 
_reflns.pdbx_netI_over_sigmaI        ? 
_reflns.B_iso_Wilson_estimate        ? 
_reflns.pdbx_redundancy              ? 
_reflns.R_free_details               ? 
_reflns.pdbx_diffrn_id               1 
_reflns.pdbx_ordinal                 1 
# 
_reflns_shell.d_res_high             1.5 
_reflns_shell.d_res_low              1.55 
_reflns_shell.percent_possible_all   39.3 
_reflns_shell.Rmerge_I_obs           0.325 
_reflns_shell.pdbx_Rsym_value        ? 
_reflns_shell.meanI_over_sigI_obs    ? 
_reflns_shell.pdbx_redundancy        ? 
_reflns_shell.percent_possible_obs   ? 
_reflns_shell.number_unique_all      ? 
_reflns_shell.pdbx_diffrn_id         ? 
_reflns_shell.pdbx_ordinal           1 
# 
_refine.entry_id                                 1L6B 
_refine.ls_number_reflns_obs                     7986 
_refine.ls_number_reflns_all                     7986 
_refine.pdbx_ls_sigma_I                          ? 
_refine.pdbx_ls_sigma_F                          0.0 
_refine.pdbx_data_cutoff_high_absF               ? 
_refine.pdbx_data_cutoff_low_absF                ? 
_refine.ls_d_res_low                             16.28 
_refine.ls_d_res_high                            1.5 
_refine.ls_percent_reflns_obs                    ? 
_refine.ls_R_factor_obs                          0.223 
_refine.ls_R_factor_all                          0.223 
_refine.ls_R_factor_R_work                       0.218 
_refine.ls_R_factor_R_free                       0.264 
_refine.ls_R_factor_R_free_error                 ? 
_refine.ls_R_factor_R_free_error_details         ? 
_refine.ls_percent_reflns_R_free                 ? 
_refine.ls_number_reflns_R_free                  852 
_refine.ls_number_parameters                     ? 
_refine.ls_number_restraints                     ? 
_refine.occupancy_min                            ? 
_refine.occupancy_max                            ? 
_refine.B_iso_mean                               ? 
_refine.aniso_B[1][1]                            ? 
_refine.aniso_B[2][2]                            ? 
_refine.aniso_B[3][3]                            ? 
_refine.aniso_B[1][2]                            ? 
_refine.aniso_B[1][3]                            ? 
_refine.aniso_B[2][3]                            ? 
_refine.solvent_model_details                    ? 
_refine.solvent_model_param_ksol                 ? 
_refine.solvent_model_param_bsol                 ? 
_refine.pdbx_ls_cross_valid_method               ? 
_refine.details                                  ? 
_refine.pdbx_starting_model                      ? 
_refine.pdbx_method_to_determine_struct          'MOLECULAR REPLACEMENT' 
_refine.pdbx_isotropic_thermal_model             ? 
_refine.pdbx_stereochemistry_target_values       'G.PARKINSON, J. VOJTECHOVSKY, L. CLOWNEY, A.T. BRUNGER, H.M. BERMAN' 
_refine.pdbx_stereochem_target_val_spec_case     ? 
_refine.pdbx_R_Free_selection_details            Random 
_refine.pdbx_overall_ESU_R_Free                  ? 
_refine.overall_SU_B                             ? 
_refine.ls_redundancy_reflns_obs                 ? 
_refine.correlation_coeff_Fo_to_Fc               ? 
_refine.overall_SU_R_Cruickshank_DPI             ? 
_refine.overall_SU_R_free                        ? 
_refine.overall_SU_ML                            ? 
_refine.pdbx_overall_ESU_R                       ? 
_refine.pdbx_data_cutoff_high_rms_absF           ? 
_refine.correlation_coeff_Fo_to_Fc_free          ? 
_refine.pdbx_solvent_vdw_probe_radii             ? 
_refine.pdbx_solvent_ion_probe_radii             ? 
_refine.pdbx_solvent_shrinkage_radii             ? 
_refine.pdbx_refine_id                           'X-RAY DIFFRACTION' 
_refine.pdbx_TLS_residual_ADP_flag               UNVERIFIED 
_refine.pdbx_diffrn_id                           1 
_refine.pdbx_overall_phase_error                 ? 
_refine.pdbx_overall_SU_R_free_Cruickshank_DPI   ? 
_refine.pdbx_overall_SU_R_Blow_DPI               ? 
_refine.pdbx_overall_SU_R_free_Blow_DPI          ? 
# 
_refine_hist.pdbx_refine_id                   'X-RAY DIFFRACTION' 
_refine_hist.cycle_id                         LAST 
_refine_hist.pdbx_number_atoms_protein        0 
_refine_hist.pdbx_number_atoms_nucleic_acid   404 
_refine_hist.pdbx_number_atoms_ligand         3 
_refine_hist.number_atoms_solvent             95 
_refine_hist.number_atoms_total               502 
_refine_hist.d_res_high                       1.5 
_refine_hist.d_res_low                        16.28 
# 
loop_
_refine_ls_restr.type 
_refine_ls_restr.dev_ideal 
_refine_ls_restr.dev_ideal_target 
_refine_ls_restr.weight 
_refine_ls_restr.number 
_refine_ls_restr.pdbx_refine_id 
_refine_ls_restr.pdbx_restraint_function 
r_bond_d    0.012 ? ? ? 'X-RAY DIFFRACTION' ? 
r_angle_deg 2.08  ? ? ? 'X-RAY DIFFRACTION' ? 
# 
_struct.entry_id                  1L6B 
_struct.title                     'CRYSTAL STRUCTURE ANALYSIS OF THE ALL DNA HOLLIDAY JUNCTION STRUCTURE OF CCGGTACM5CGG' 
_struct.pdbx_model_details        ? 
_struct.pdbx_CASP_flag            ? 
_struct.pdbx_model_type_details   ? 
# 
_struct_keywords.entry_id        1L6B 
_struct_keywords.pdbx_keywords   DNA 
_struct_keywords.text            'Holliday Junction, DNA four-way junction, cytosine methylation, DNA' 
# 
loop_
_struct_asym.id 
_struct_asym.pdbx_blank_PDB_chainid_flag 
_struct_asym.pdbx_modified 
_struct_asym.entity_id 
_struct_asym.details 
A N N 1 ? 
B N N 1 ? 
C N N 2 ? 
D N N 3 ? 
E N N 3 ? 
# 
_struct_ref.id                         1 
_struct_ref.entity_id                  1 
_struct_ref.db_name                    PDB 
_struct_ref.db_code                    1L6B 
_struct_ref.pdbx_db_accession          1L6B 
_struct_ref.pdbx_db_isoform            ? 
_struct_ref.pdbx_seq_one_letter_code   ? 
_struct_ref.pdbx_align_begin           ? 
# 
loop_
_struct_ref_seq.align_id 
_struct_ref_seq.ref_id 
_struct_ref_seq.pdbx_PDB_id_code 
_struct_ref_seq.pdbx_strand_id 
_struct_ref_seq.seq_align_beg 
_struct_ref_seq.pdbx_seq_align_beg_ins_code 
_struct_ref_seq.seq_align_end 
_struct_ref_seq.pdbx_seq_align_end_ins_code 
_struct_ref_seq.pdbx_db_accession 
_struct_ref_seq.db_align_beg 
_struct_ref_seq.pdbx_db_align_beg_ins_code 
_struct_ref_seq.db_align_end 
_struct_ref_seq.pdbx_db_align_end_ins_code 
_struct_ref_seq.pdbx_auth_seq_align_beg 
_struct_ref_seq.pdbx_auth_seq_align_end 
1 1 1L6B A 1 ? 10 ? 1L6B 1  ? 10 ? 1  10 
2 1 1L6B B 1 ? 10 ? 1L6B 11 ? 20 ? 11 20 
# 
_pdbx_struct_assembly.id                   1 
_pdbx_struct_assembly.details              author_defined_assembly 
_pdbx_struct_assembly.method_details       ? 
_pdbx_struct_assembly.oligomeric_details   tetrameric 
_pdbx_struct_assembly.oligomeric_count     4 
# 
_pdbx_struct_assembly_gen.assembly_id       1 
_pdbx_struct_assembly_gen.oper_expression   1,2 
_pdbx_struct_assembly_gen.asym_id_list      A,B,C,D,E 
# 
loop_
_pdbx_struct_oper_list.id 
_pdbx_struct_oper_list.type 
_pdbx_struct_oper_list.name 
_pdbx_struct_oper_list.symmetry_operation 
_pdbx_struct_oper_list.matrix[1][1] 
_pdbx_struct_oper_list.matrix[1][2] 
_pdbx_struct_oper_list.matrix[1][3] 
_pdbx_struct_oper_list.vector[1] 
_pdbx_struct_oper_list.matrix[2][1] 
_pdbx_struct_oper_list.matrix[2][2] 
_pdbx_struct_oper_list.matrix[2][3] 
_pdbx_struct_oper_list.vector[2] 
_pdbx_struct_oper_list.matrix[3][1] 
_pdbx_struct_oper_list.matrix[3][2] 
_pdbx_struct_oper_list.matrix[3][3] 
_pdbx_struct_oper_list.vector[3] 
1 'identity operation'         1_555 x,y,z     1.0000000000 0.0000000000 0.0000000000 0.0000000000  0.0000000000 1.0000000000  0.0000000000 0.0000000000 0.0000000000 0.0000000000 1.0000000000  0.0000000000 
2 'crystal symmetry operation' 2_556 -x,y,-z+1 0.1336846755 0.6528492211 0.7455979494 -9.1227380443 0.6528492211 -0.6240470436 0.4293636943 8.2724403365 0.7455979494 0.4293636943 -0.5096376320 6.6277704947 
# 
_struct_biol.id                    1 
_struct_biol.details               
;The second part of the biological assembly is generated by a crystallographic two-fold to give one fully watson-crick basepaired Holliday junction
;
_struct_biol.pdbx_parent_biol_id   ? 
# 
loop_
_struct_conn.id 
_struct_conn.conn_type_id 
_struct_conn.pdbx_leaving_atom_flag 
_struct_conn.pdbx_PDB_id 
_struct_conn.ptnr1_label_asym_id 
_struct_conn.ptnr1_label_comp_id 
_struct_conn.ptnr1_label_seq_id 
_struct_conn.ptnr1_label_atom_id 
_struct_conn.pdbx_ptnr1_label_alt_id 
_struct_conn.pdbx_ptnr1_PDB_ins_code 
_struct_conn.pdbx_ptnr1_standard_comp_id 
_struct_conn.ptnr1_symmetry 
_struct_conn.ptnr2_label_asym_id 
_struct_conn.ptnr2_label_comp_id 
_struct_conn.ptnr2_label_seq_id 
_struct_conn.ptnr2_label_atom_id 
_struct_conn.pdbx_ptnr2_label_alt_id 
_struct_conn.pdbx_ptnr2_PDB_ins_code 
_struct_conn.ptnr1_auth_asym_id 
_struct_conn.ptnr1_auth_comp_id 
_struct_conn.ptnr1_auth_seq_id 
_struct_conn.ptnr2_auth_asym_id 
_struct_conn.ptnr2_auth_comp_id 
_struct_conn.ptnr2_auth_seq_id 
_struct_conn.ptnr2_symmetry 
_struct_conn.pdbx_ptnr3_label_atom_id 
_struct_conn.pdbx_ptnr3_label_seq_id 
_struct_conn.pdbx_ptnr3_label_comp_id 
_struct_conn.pdbx_ptnr3_label_asym_id 
_struct_conn.pdbx_ptnr3_label_alt_id 
_struct_conn.pdbx_ptnr3_PDB_ins_code 
_struct_conn.details 
_struct_conn.pdbx_dist_value 
_struct_conn.pdbx_value_order 
_struct_conn.pdbx_role 
covale1  covale both ? A DC  7 "O3'" ? ? ? 1_555 A 5CM 8  P  ? ? A DC  7  A 5CM 8  1_555 ? ? ? ? ? ? ?            1.591 ? ? 
covale2  covale both ? A 5CM 8 "O3'" ? ? ? 1_555 A DG  9  P  ? ? A 5CM 8  A DG  9  1_555 ? ? ? ? ? ? ?            1.598 ? ? 
covale3  covale both ? B DC  7 "O3'" ? ? ? 1_555 B 5CM 8  P  ? ? B DC  17 B 5CM 18 1_555 ? ? ? ? ? ? ?            1.572 ? ? 
covale4  covale both ? B 5CM 8 "O3'" ? ? ? 1_555 B DG  9  P  ? ? B 5CM 18 B DG  19 1_555 ? ? ? ? ? ? ?            1.606 ? ? 
metalc1  metalc ?    ? C CA  . CA    ? ? ? 1_555 E HOH .  O  ? ? B CA  21 B HOH 43 1_555 ? ? ? ? ? ? ?            2.514 ? ? 
metalc2  metalc ?    ? C CA  . CA    ? ? ? 1_555 E HOH .  O  ? ? B CA  21 B HOH 44 1_555 ? ? ? ? ? ? ?            2.427 ? ? 
metalc3  metalc ?    ? C CA  . CA    ? ? ? 1_555 E HOH .  O  ? ? B CA  21 B HOH 45 1_555 ? ? ? ? ? ? ?            2.527 ? ? 
metalc4  metalc ?    ? C CA  . CA    ? ? ? 1_555 E HOH .  O  ? ? B CA  21 B HOH 46 1_555 ? ? ? ? ? ? ?            2.261 ? ? 
metalc5  metalc ?    ? C CA  . CA    ? ? ? 1_555 E HOH .  O  ? ? B CA  21 B HOH 81 1_555 ? ? ? ? ? ? ?            2.121 ? ? 
metalc6  metalc ?    ? C CA  . CA    ? ? ? 1_555 E HOH .  O  ? ? B CA  21 B HOH 98 1_555 ? ? ? ? ? ? ?            2.298 ? ? 
hydrog1  hydrog ?    ? A DC  1 N3    ? ? ? 1_555 B DG  10 N1 ? ? A DC  1  B DG  20 1_555 ? ? ? ? ? ? WATSON-CRICK ?     ? ? 
hydrog2  hydrog ?    ? A DC  1 N4    ? ? ? 1_555 B DG  10 O6 ? ? A DC  1  B DG  20 1_555 ? ? ? ? ? ? WATSON-CRICK ?     ? ? 
hydrog3  hydrog ?    ? A DC  1 O2    ? ? ? 1_555 B DG  10 N2 ? ? A DC  1  B DG  20 1_555 ? ? ? ? ? ? WATSON-CRICK ?     ? ? 
hydrog4  hydrog ?    ? A DC  2 N3    ? ? ? 1_555 B DG  9  N1 ? ? A DC  2  B DG  19 1_555 ? ? ? ? ? ? WATSON-CRICK ?     ? ? 
hydrog5  hydrog ?    ? A DC  2 N4    ? ? ? 1_555 B DG  9  O6 ? ? A DC  2  B DG  19 1_555 ? ? ? ? ? ? WATSON-CRICK ?     ? ? 
hydrog6  hydrog ?    ? A DC  2 O2    ? ? ? 1_555 B DG  9  N2 ? ? A DC  2  B DG  19 1_555 ? ? ? ? ? ? WATSON-CRICK ?     ? ? 
hydrog7  hydrog ?    ? A DG  3 N1    ? ? ? 1_555 B 5CM 8  N3 ? ? A DG  3  B 5CM 18 1_555 ? ? ? ? ? ? WATSON-CRICK ?     ? ? 
hydrog8  hydrog ?    ? A DG  3 N2    ? ? ? 1_555 B 5CM 8  O2 ? ? A DG  3  B 5CM 18 1_555 ? ? ? ? ? ? WATSON-CRICK ?     ? ? 
hydrog9  hydrog ?    ? A DG  3 O6    ? ? ? 1_555 B 5CM 8  N4 ? ? A DG  3  B 5CM 18 1_555 ? ? ? ? ? ? WATSON-CRICK ?     ? ? 
hydrog10 hydrog ?    ? A DG  4 N1    ? ? ? 1_555 B DC  7  N3 ? ? A DG  4  B DC  17 1_555 ? ? ? ? ? ? WATSON-CRICK ?     ? ? 
hydrog11 hydrog ?    ? A DG  4 N2    ? ? ? 1_555 B DC  7  O2 ? ? A DG  4  B DC  17 1_555 ? ? ? ? ? ? WATSON-CRICK ?     ? ? 
hydrog12 hydrog ?    ? A DG  4 O6    ? ? ? 1_555 B DC  7  N4 ? ? A DG  4  B DC  17 1_555 ? ? ? ? ? ? WATSON-CRICK ?     ? ? 
hydrog13 hydrog ?    ? A DT  5 N3    ? ? ? 1_555 B DA  6  N1 ? ? A DT  5  B DA  16 1_555 ? ? ? ? ? ? WATSON-CRICK ?     ? ? 
hydrog14 hydrog ?    ? A DT  5 O4    ? ? ? 1_555 B DA  6  N6 ? ? A DT  5  B DA  16 1_555 ? ? ? ? ? ? WATSON-CRICK ?     ? ? 
hydrog15 hydrog ?    ? A DA  6 N1    ? ? ? 1_555 B DT  5  N3 ? ? A DA  6  B DT  15 1_555 ? ? ? ? ? ? WATSON-CRICK ?     ? ? 
hydrog16 hydrog ?    ? A DA  6 N6    ? ? ? 1_555 B DT  5  O4 ? ? A DA  6  B DT  15 1_555 ? ? ? ? ? ? WATSON-CRICK ?     ? ? 
# 
loop_
_struct_conn_type.id 
_struct_conn_type.criteria 
_struct_conn_type.reference 
covale ? ? 
metalc ? ? 
hydrog ? ? 
# 
loop_
_pdbx_struct_conn_angle.id 
_pdbx_struct_conn_angle.ptnr1_label_atom_id 
_pdbx_struct_conn_angle.ptnr1_label_alt_id 
_pdbx_struct_conn_angle.ptnr1_label_asym_id 
_pdbx_struct_conn_angle.ptnr1_label_comp_id 
_pdbx_struct_conn_angle.ptnr1_label_seq_id 
_pdbx_struct_conn_angle.ptnr1_auth_atom_id 
_pdbx_struct_conn_angle.ptnr1_auth_asym_id 
_pdbx_struct_conn_angle.ptnr1_auth_comp_id 
_pdbx_struct_conn_angle.ptnr1_auth_seq_id 
_pdbx_struct_conn_angle.ptnr1_PDB_ins_code 
_pdbx_struct_conn_angle.ptnr1_symmetry 
_pdbx_struct_conn_angle.ptnr2_label_atom_id 
_pdbx_struct_conn_angle.ptnr2_label_alt_id 
_pdbx_struct_conn_angle.ptnr2_label_asym_id 
_pdbx_struct_conn_angle.ptnr2_label_comp_id 
_pdbx_struct_conn_angle.ptnr2_label_seq_id 
_pdbx_struct_conn_angle.ptnr2_auth_atom_id 
_pdbx_struct_conn_angle.ptnr2_auth_asym_id 
_pdbx_struct_conn_angle.ptnr2_auth_comp_id 
_pdbx_struct_conn_angle.ptnr2_auth_seq_id 
_pdbx_struct_conn_angle.ptnr2_PDB_ins_code 
_pdbx_struct_conn_angle.ptnr2_symmetry 
_pdbx_struct_conn_angle.ptnr3_label_atom_id 
_pdbx_struct_conn_angle.ptnr3_label_alt_id 
_pdbx_struct_conn_angle.ptnr3_label_asym_id 
_pdbx_struct_conn_angle.ptnr3_label_comp_id 
_pdbx_struct_conn_angle.ptnr3_label_seq_id 
_pdbx_struct_conn_angle.ptnr3_auth_atom_id 
_pdbx_struct_conn_angle.ptnr3_auth_asym_id 
_pdbx_struct_conn_angle.ptnr3_auth_comp_id 
_pdbx_struct_conn_angle.ptnr3_auth_seq_id 
_pdbx_struct_conn_angle.ptnr3_PDB_ins_code 
_pdbx_struct_conn_angle.ptnr3_symmetry 
_pdbx_struct_conn_angle.value 
_pdbx_struct_conn_angle.value_esd 
1  O ? E HOH . ? B HOH 43 ? 1_555 CA ? C CA . ? B CA 21 ? 1_555 O ? E HOH . ? B HOH 44 ? 1_555 80.4  ? 
2  O ? E HOH . ? B HOH 43 ? 1_555 CA ? C CA . ? B CA 21 ? 1_555 O ? E HOH . ? B HOH 45 ? 1_555 114.2 ? 
3  O ? E HOH . ? B HOH 44 ? 1_555 CA ? C CA . ? B CA 21 ? 1_555 O ? E HOH . ? B HOH 45 ? 1_555 76.0  ? 
4  O ? E HOH . ? B HOH 43 ? 1_555 CA ? C CA . ? B CA 21 ? 1_555 O ? E HOH . ? B HOH 46 ? 1_555 144.1 ? 
5  O ? E HOH . ? B HOH 44 ? 1_555 CA ? C CA . ? B CA 21 ? 1_555 O ? E HOH . ? B HOH 46 ? 1_555 74.3  ? 
6  O ? E HOH . ? B HOH 45 ? 1_555 CA ? C CA . ? B CA 21 ? 1_555 O ? E HOH . ? B HOH 46 ? 1_555 84.0  ? 
7  O ? E HOH . ? B HOH 43 ? 1_555 CA ? C CA . ? B CA 21 ? 1_555 O ? E HOH . ? B HOH 81 ? 1_555 59.1  ? 
8  O ? E HOH . ? B HOH 44 ? 1_555 CA ? C CA . ? B CA 21 ? 1_555 O ? E HOH . ? B HOH 81 ? 1_555 138.4 ? 
9  O ? E HOH . ? B HOH 45 ? 1_555 CA ? C CA . ? B CA 21 ? 1_555 O ? E HOH . ? B HOH 81 ? 1_555 127.0 ? 
10 O ? E HOH . ? B HOH 46 ? 1_555 CA ? C CA . ? B CA 21 ? 1_555 O ? E HOH . ? B HOH 81 ? 1_555 134.7 ? 
11 O ? E HOH . ? B HOH 43 ? 1_555 CA ? C CA . ? B CA 21 ? 1_555 O ? E HOH . ? B HOH 98 ? 1_555 76.3  ? 
12 O ? E HOH . ? B HOH 44 ? 1_555 CA ? C CA . ? B CA 21 ? 1_555 O ? E HOH . ? B HOH 98 ? 1_555 132.3 ? 
13 O ? E HOH . ? B HOH 45 ? 1_555 CA ? C CA . ? B CA 21 ? 1_555 O ? E HOH . ? B HOH 98 ? 1_555 76.6  ? 
14 O ? E HOH . ? B HOH 46 ? 1_555 CA ? C CA . ? B CA 21 ? 1_555 O ? E HOH . ? B HOH 98 ? 1_555 139.5 ? 
15 O ? E HOH . ? B HOH 81 ? 1_555 CA ? C CA . ? B CA 21 ? 1_555 O ? E HOH . ? B HOH 98 ? 1_555 50.4  ? 
# 
_struct_site.id                   AC1 
_struct_site.pdbx_evidence_code   Software 
_struct_site.pdbx_auth_asym_id    B 
_struct_site.pdbx_auth_comp_id    CA 
_struct_site.pdbx_auth_seq_id     21 
_struct_site.pdbx_auth_ins_code   ? 
_struct_site.pdbx_num_residues    6 
_struct_site.details              'BINDING SITE FOR RESIDUE CA B 21' 
# 
loop_
_struct_site_gen.id 
_struct_site_gen.site_id 
_struct_site_gen.pdbx_num_res 
_struct_site_gen.label_comp_id 
_struct_site_gen.label_asym_id 
_struct_site_gen.label_seq_id 
_struct_site_gen.pdbx_auth_ins_code 
_struct_site_gen.auth_comp_id 
_struct_site_gen.auth_asym_id 
_struct_site_gen.auth_seq_id 
_struct_site_gen.label_atom_id 
_struct_site_gen.label_alt_id 
_struct_site_gen.symmetry 
_struct_site_gen.details 
1 AC1 6 HOH E . ? HOH B 43 . ? 1_555 ? 
2 AC1 6 HOH E . ? HOH B 44 . ? 1_555 ? 
3 AC1 6 HOH E . ? HOH B 45 . ? 1_555 ? 
4 AC1 6 HOH E . ? HOH B 46 . ? 1_555 ? 
5 AC1 6 HOH E . ? HOH B 81 . ? 1_555 ? 
6 AC1 6 HOH E . ? HOH B 98 . ? 1_555 ? 
# 
loop_
_pdbx_validate_close_contact.id 
_pdbx_validate_close_contact.PDB_model_num 
_pdbx_validate_close_contact.auth_atom_id_1 
_pdbx_validate_close_contact.auth_asym_id_1 
_pdbx_validate_close_contact.auth_comp_id_1 
_pdbx_validate_close_contact.auth_seq_id_1 
_pdbx_validate_close_contact.PDB_ins_code_1 
_pdbx_validate_close_contact.label_alt_id_1 
_pdbx_validate_close_contact.auth_atom_id_2 
_pdbx_validate_close_contact.auth_asym_id_2 
_pdbx_validate_close_contact.auth_comp_id_2 
_pdbx_validate_close_contact.auth_seq_id_2 
_pdbx_validate_close_contact.PDB_ins_code_2 
_pdbx_validate_close_contact.label_alt_id_2 
_pdbx_validate_close_contact.dist 
1 1 O   A HOH 70 ? ? O B HOH 104 ? ? 1.76 
2 1 O   B HOH 81 ? ? O B HOH 98  ? ? 1.89 
3 1 O   A HOH 96 ? ? O B HOH 50  ? ? 2.01 
4 1 OP2 B DG  20 ? ? O B HOH 82  ? ? 2.01 
# 
loop_
_pdbx_validate_rmsd_angle.id 
_pdbx_validate_rmsd_angle.PDB_model_num 
_pdbx_validate_rmsd_angle.auth_atom_id_1 
_pdbx_validate_rmsd_angle.auth_asym_id_1 
_pdbx_validate_rmsd_angle.auth_comp_id_1 
_pdbx_validate_rmsd_angle.auth_seq_id_1 
_pdbx_validate_rmsd_angle.PDB_ins_code_1 
_pdbx_validate_rmsd_angle.label_alt_id_1 
_pdbx_validate_rmsd_angle.auth_atom_id_2 
_pdbx_validate_rmsd_angle.auth_asym_id_2 
_pdbx_validate_rmsd_angle.auth_comp_id_2 
_pdbx_validate_rmsd_angle.auth_seq_id_2 
_pdbx_validate_rmsd_angle.PDB_ins_code_2 
_pdbx_validate_rmsd_angle.label_alt_id_2 
_pdbx_validate_rmsd_angle.auth_atom_id_3 
_pdbx_validate_rmsd_angle.auth_asym_id_3 
_pdbx_validate_rmsd_angle.auth_comp_id_3 
_pdbx_validate_rmsd_angle.auth_seq_id_3 
_pdbx_validate_rmsd_angle.PDB_ins_code_3 
_pdbx_validate_rmsd_angle.label_alt_id_3 
_pdbx_validate_rmsd_angle.angle_value 
_pdbx_validate_rmsd_angle.angle_target_value 
_pdbx_validate_rmsd_angle.angle_deviation 
_pdbx_validate_rmsd_angle.angle_standard_deviation 
_pdbx_validate_rmsd_angle.linker_flag 
1  1 "O4'" A DC 2  ? ? "C1'" A DC 2  ? ? "C2'" A DC 2  ? ? 97.80  105.90 -8.10 0.80 N 
2  1 "O4'" A DC 2  ? ? "C1'" A DC 2  ? ? N1    A DC 2  ? ? 103.26 108.00 -4.74 0.70 N 
3  1 "O4'" A DT 5  ? ? "C1'" A DT 5  ? ? N1    A DT 5  ? ? 103.04 108.00 -4.96 0.70 N 
4  1 "O4'" B DC 12 ? ? "C1'" B DC 12 ? ? "C2'" B DC 12 ? ? 100.67 105.90 -5.23 0.80 N 
5  1 "O4'" B DC 12 ? ? "C1'" B DC 12 ? ? N1    B DC 12 ? ? 103.72 108.00 -4.28 0.70 N 
6  1 "O4'" B DG 13 ? ? "C1'" B DG 13 ? ? N9    B DG 13 ? ? 103.57 108.00 -4.43 0.70 N 
7  1 "O4'" B DG 14 ? ? "C1'" B DG 14 ? ? N9    B DG 14 ? ? 102.19 108.00 -5.81 0.70 N 
8  1 "C3'" B DT 15 ? ? "C2'" B DT 15 ? ? "C1'" B DT 15 ? ? 97.42  102.40 -4.98 0.80 N 
9  1 "O4'" B DA 16 ? ? "C1'" B DA 16 ? ? N9    B DA 16 ? ? 101.27 108.00 -6.73 0.70 N 
10 1 "O4'" B DC 17 ? ? "C1'" B DC 17 ? ? N1    B DC 17 ? ? 100.72 108.00 -7.28 0.70 N 
# 
loop_
_pdbx_struct_mod_residue.id 
_pdbx_struct_mod_residue.label_asym_id 
_pdbx_struct_mod_residue.label_comp_id 
_pdbx_struct_mod_residue.label_seq_id 
_pdbx_struct_mod_residue.auth_asym_id 
_pdbx_struct_mod_residue.auth_comp_id 
_pdbx_struct_mod_residue.auth_seq_id 
_pdbx_struct_mod_residue.PDB_ins_code 
_pdbx_struct_mod_residue.parent_comp_id 
_pdbx_struct_mod_residue.details 
1 A 5CM 8 A 5CM 8  ? DC ? 
2 B 5CM 8 B 5CM 18 ? DC ? 
# 
loop_
_pdbx_struct_special_symmetry.id 
_pdbx_struct_special_symmetry.PDB_model_num 
_pdbx_struct_special_symmetry.auth_asym_id 
_pdbx_struct_special_symmetry.auth_comp_id 
_pdbx_struct_special_symmetry.auth_seq_id 
_pdbx_struct_special_symmetry.PDB_ins_code 
_pdbx_struct_special_symmetry.label_asym_id 
_pdbx_struct_special_symmetry.label_comp_id 
_pdbx_struct_special_symmetry.label_seq_id 
1 1 A HOH 108 ? D HOH . 
2 1 B HOH 76  ? E HOH . 
# 
loop_
_pdbx_refine_tls.id 
_pdbx_refine_tls.details 
_pdbx_refine_tls.method 
_pdbx_refine_tls.origin_x 
_pdbx_refine_tls.origin_y 
_pdbx_refine_tls.origin_z 
_pdbx_refine_tls.T[1][1] 
_pdbx_refine_tls.T[2][2] 
_pdbx_refine_tls.T[3][3] 
_pdbx_refine_tls.T[1][2] 
_pdbx_refine_tls.T[1][3] 
_pdbx_refine_tls.T[2][3] 
_pdbx_refine_tls.L[1][1] 
_pdbx_refine_tls.L[2][2] 
_pdbx_refine_tls.L[3][3] 
_pdbx_refine_tls.L[1][2] 
_pdbx_refine_tls.L[1][3] 
_pdbx_refine_tls.L[2][3] 
_pdbx_refine_tls.S[1][1] 
_pdbx_refine_tls.S[1][2] 
_pdbx_refine_tls.S[1][3] 
_pdbx_refine_tls.S[2][1] 
_pdbx_refine_tls.S[2][2] 
_pdbx_refine_tls.S[2][3] 
_pdbx_refine_tls.S[3][1] 
_pdbx_refine_tls.S[3][2] 
_pdbx_refine_tls.S[3][3] 
_pdbx_refine_tls.pdbx_refine_id 
1  ? refined 13.6629  -4.2447  -7.5616  0.1659 0.1923 0.2639 -0.0111 0.0238  -0.0082 12.1255   -40.5011 103.2886 1.1395   39.8299   25.0480   -0.2038 0.2222  0.2285  -0.1273 -0.0807 -1.4096 0.4450  1.1048  0.2845  'X-RAY DIFFRACTION' 
2  ? refined 10.8897  -1.1874  -9.6113  0.1823 0.2053 0.2719 -0.0398 0.0305  0.0212  -12.8077  11.8961  47.1028  -13.7869 12.7988   1.5904    -0.0702 -0.6404 -0.3176 -0.0103 0.8698  0.5885  -0.2269 -0.7098 -0.7996 'X-RAY DIFFRACTION' 
3  ? refined 14.3598  -3.5221  -3.1854  0.1523 0.3296 0.3190 -0.0242 -0.0144 0.0260  44.7132   -5.4195  15.7830  -18.1833 -62.9856  -1.2715   -0.2121 -1.2828 -1.3278 0.0335  0.3612  -0.4653 0.1104  0.1829  -0.1491 'X-RAY DIFFRACTION' 
4  ? refined 9.8786   -3.3941  -5.2201  0.1492 0.2353 0.2509 -0.0148 0.0465  0.0306  22.6820   39.0020  46.3318  17.0548  2.9964    36.9383   0.2073  -0.6790 0.2853  -0.2285 0.0049  -0.2860 0.1896  -0.2121 -0.2124 'X-RAY DIFFRACTION' 
5  ? refined 12.2668  -1.9434  1.8565   0.1059 0.6701 0.1410 -0.0558 -0.0002 -0.0067 117.7255  -19.4075 18.5997  61.1594  14.2947   52.3828   -0.1608 -4.2210 0.7812  0.3682  -0.3488 1.1218  1.2652  1.2259  0.5096  'X-RAY DIFFRACTION' 
6  ? refined 8.1640   -2.7224  -1.3733  0.1342 0.2350 0.2278 -0.0253 0.0614  0.0124  16.7297   27.6483  46.2858  -7.9214  27.8718   -22.5560  -0.2214 0.0487  -0.0011 0.5775  0.0927  -0.2699 0.1062  -0.2037 0.1287  'X-RAY DIFFRACTION' 
7  ? refined 8.5840   2.4370   4.1962   0.1239 0.7478 0.1522 -0.2044 0.1080  -0.3324 60.6001   41.1560  -27.7882 49.3201  40.6902   -0.7478   0.6483  -0.0379 0.8878  1.5999  -1.1146 0.1501  1.2976  0.9640  0.4662  'X-RAY DIFFRACTION' 
8  ? refined 5.6970   -1.1123  1.4773   0.1501 0.2459 0.2184 -0.0185 0.0467  0.0010  -2.4029   22.9507  -19.7100 -2.3046  -1.2249   7.2414    -0.4396 -0.2221 -0.0705 0.2773  0.1803  -0.1747 -0.5756 -0.4395 0.2593  'X-RAY DIFFRACTION' 
9  ? refined 3.0253   4.7148   3.5901   0.2207 0.2920 0.3376 -0.1370 0.0983  -0.0748 -152.6928 86.5265  -55.1081 -31.0171 -121.5907 55.6909   0.1586  -0.9030 -2.6030 -0.6510 2.7737  -3.5070 -0.0801 2.0991  -2.9323 'X-RAY DIFFRACTION' 
10 ? refined 2.7182   -0.0757  3.9180   0.1067 0.2055 0.2167 -0.0766 0.0775  0.0185  154.8182  49.3816  197.0420 -74.4389 141.3544  -137.9416 -0.6287 -1.2564 -0.5537 0.1028  -0.5456 -1.2953 -1.0345 -1.1785 1.1742  'X-RAY DIFFRACTION' 
11 ? refined -2.5404  3.6981   1.6093   0.2552 0.1577 0.2451 0.0020  0.0180  -0.0122 34.7507   18.2354  13.2247  -6.4986  -2.0480   -55.6542  -0.9076 -1.3185 -0.1469 0.1599  -0.4388 -1.4784 -1.0769 -0.4912 1.3464  'X-RAY DIFFRACTION' 
12 ? refined -0.9334  -0.6745  4.5862   0.1789 0.2623 0.2628 -0.0452 0.0798  0.0393  11.0367   32.6094  -2.4519  -13.2924 11.7210   37.4020   -0.0294 -0.3181 0.1605  0.1779  0.0995  -0.1642 0.1012  -0.1731 -0.0702 'X-RAY DIFFRACTION' 
13 ? refined -7.7989  4.4531   -0.6117  0.2867 0.1681 0.1616 -0.0321 0.0256  0.0070  74.5318   75.7042  19.3603  -62.3116 -8.2209   -22.9257  -0.2659 0.4883  -1.3029 0.2259  -0.3886 0.8754  0.0761  -0.0098 0.6547  'X-RAY DIFFRACTION' 
14 ? refined -6.3879  9.0571   0.0085   0.2958 0.2536 0.1634 0.0020  0.0122  -0.0161 40.5109   26.2530  -16.4034 6.9275   38.6626   -4.5604   -0.1533 -0.3037 0.1348  -0.3537 0.1508  0.1328  -0.5892 0.2440  0.0025  'X-RAY DIFFRACTION' 
15 ? refined -12.1850 5.9750   -3.6076  0.2722 0.2037 0.1820 -0.1069 -0.0430 0.0564  48.0437   2.3465   44.8467  -30.3841 35.3625   -7.0946   1.2386  0.0557  -0.8781 0.9761  1.0712  1.1101  0.4456  -0.4043 -2.3097 'X-RAY DIFFRACTION' 
16 ? refined -7.5926  7.3560   -4.4077  0.2399 0.2406 0.2142 0.0005  -0.0264 0.0351  -8.5352   -24.5878 -12.2744 36.6926  -24.3247  36.3634   -0.4543 -0.2692 -0.4675 0.1987  0.1313  -0.2555 -0.0307 0.2412  0.3230  'X-RAY DIFFRACTION' 
17 ? refined -14.3194 9.0236   -8.2355  0.2008 0.2792 0.2793 -0.0555 -0.0801 0.0423  6.4141    -37.3106 -13.3601 4.5616   -7.7547   27.5661   -0.4512 -1.1329 -0.1328 -0.2838 0.1235  -0.4195 0.1977  -0.4141 0.3277  'X-RAY DIFFRACTION' 
18 ? refined -9.1504  8.8800   -8.3695  0.2406 0.2456 0.2008 0.0022  -0.0095 0.0033  6.0450    7.1645   -1.3835  0.9015   2.4342    -7.6704   0.1271  -0.1137 0.0298  0.5510  -0.0492 0.5061  0.2228  -0.0383 -0.0779 'X-RAY DIFFRACTION' 
19 ? refined -13.9591 13.9237  -11.6098 0.1923 0.2719 0.2317 0.0334  -0.0693 0.0576  48.6469   4.1541   13.5137  20.1756  6.6108    18.4495   0.2314  -2.1484 0.2602  -2.1239 -0.7109 0.6124  0.4804  -0.0567 0.4795  'X-RAY DIFFRACTION' 
20 ? refined -9.6958  10.7991  -12.0229 0.2479 0.2445 0.1480 -0.0015 0.0089  -0.0019 44.3229   20.0807  13.3222  -6.2258  40.0315   7.7204    0.3615  -0.0899 0.2111  0.2338  -0.1221 0.4410  0.2364  0.1274  -0.2394 'X-RAY DIFFRACTION' 
21 ? refined -10.6337 -1.9695  14.8631  0.1842 0.1949 0.3271 -0.0322 0.0247  0.0267  -24.3217  38.5201  -2.0680  -69.0169 -62.7133  46.3884   -0.4848 0.2717  0.1458  0.7690  0.3721  -0.7949 -0.2633 0.1370  0.1129  'X-RAY DIFFRACTION' 
22 ? refined -12.7572 -4.5083  11.6776  0.1588 0.2427 0.2483 -0.0313 0.0608  0.0369  52.0708   33.8556  19.9788  -10.8146 58.4784   16.5509   0.1926  -0.0934 -0.3021 -0.1698 0.1281  -0.2521 0.0779  -0.5300 -0.3207 'X-RAY DIFFRACTION' 
23 ? refined -6.4491  -3.5168  15.8184  0.2428 0.1895 0.2378 0.0187  0.0290  -0.0360 14.6344   4.8487   -40.0108 27.7279  25.0477   -24.2796  0.4142  -0.0434 1.1752  0.6616  0.8812  0.1624  0.4069  0.3965  -1.2955 'X-RAY DIFFRACTION' 
24 ? refined -8.0321  -3.0765  11.1598  0.2008 0.2135 0.2348 -0.0303 0.0677  0.0200  37.5130   64.6000  19.2376  -60.9018 30.1146   1.3428    -0.0199 0.1909  -0.4428 -0.2698 0.6516  0.0297  -0.0995 -0.0539 -0.6315 'X-RAY DIFFRACTION' 
25 ? refined -1.5653  -6.0021  14.1456  0.1886 0.2697 0.3360 0.0543  -0.0694 -0.0814 -25.2950  2.7830   -30.6290 22.3183  14.0385   -3.2109   -0.5526 -0.4439 1.0242  1.0111  0.3961  -0.4015 0.7191  0.3963  0.1565  'X-RAY DIFFRACTION' 
26 ? refined -4.0784  -4.1896  9.8382   0.1900 0.2349 0.2611 0.0052  0.0210  -0.0024 3.8868    -1.0224  6.6223   4.9156   3.9540    -16.6704  0.0390  -0.1106 0.2238  0.8819  0.2071  0.2732  0.0013  0.0031  -0.2460 'X-RAY DIFFRACTION' 
27 ? refined 0.7806   -10.0278 10.1177  0.1610 0.2311 0.2988 0.0639  -0.0046 0.0160  -17.6074  41.3154  -10.1207 -21.2380 -1.4057   -10.7563  0.3353  -0.3050 0.5498  -0.5330 0.2760  -0.3944 0.3203  0.3403  -0.6113 'X-RAY DIFFRACTION' 
28 ? refined -1.0059  -5.8146  7.6040   0.1881 0.2145 0.2273 -0.0143 0.0197  0.0186  49.1933   26.0386  2.0118   -20.1190 20.8732   -11.9874  -0.0348 0.4573  0.6389  0.0639  0.1168  -0.5331 0.1023  0.7550  -0.0820 'X-RAY DIFFRACTION' 
29 ? refined 1.0552   -10.8879 4.4226   0.3166 0.2372 0.2728 0.1432  -0.0142 0.0285  -25.0083  -60.0550 -23.6427 45.9612  -11.2892  30.4896   0.8027  -0.1051 0.3605  -0.8101 0.3243  0.6013  2.3023  2.2853  -1.1270 'X-RAY DIFFRACTION' 
30 ? refined 1.7521   -5.8983  5.3782   0.1819 0.2356 0.2562 -0.0082 0.0561  0.0420  76.3241   27.9950  71.9371  47.7303  73.5639   77.2158   0.5804  -0.5088 0.0676  0.3055  -0.1527 -0.8710 0.4817  -0.3398 -0.4277 'X-RAY DIFFRACTION' 
31 ? refined -0.1704  -9.3986  -1.2769  0.2249 0.1487 0.2190 -0.0246 0.1370  0.0280  37.8287   31.9101  60.0209  40.0941  45.3078   -6.8850   0.4758  0.6358  0.1890  -0.2429 -0.4318 1.1834  1.9059  0.8227  -0.0441 'X-RAY DIFFRACTION' 
32 ? refined 1.9459   -5.1947  0.7607   0.1437 0.2268 0.1858 -0.0578 0.0902  0.0409  33.1268   90.7426  59.6752  -15.3952 43.2981   45.1016   0.1656  0.1982  0.1747  -0.3862 -0.1500 -0.1166 -0.0608 0.1729  -0.0155 'X-RAY DIFFRACTION' 
33 ? refined -0.7367  -5.2014  -5.3458  0.1825 0.3215 0.2295 -0.1418 -0.0027 0.0265  -14.3393  -62.3238 37.6829  -28.7516 -4.2667   -17.1085  -1.1269 0.6594  0.0725  -1.8044 1.7250  0.6672  0.5786  1.2613  -0.5982 'X-RAY DIFFRACTION' 
34 ? refined 3.3660   -4.3088  -2.6939  0.1542 0.2331 0.1975 -0.0669 0.0823  0.0124  34.0518   106.6004 -28.5570 -28.8742 -4.3240   28.8552   -0.1866 -0.4727 0.1575  -0.3606 -0.3272 -0.0440 0.2428  -0.1475 0.5138  'X-RAY DIFFRACTION' 
35 ? refined 1.0927   -0.2051  -7.6907  0.1228 0.2143 0.4298 0.0005  0.0019  0.1597  154.4484  4.6587   20.0326  92.8918  0.4160    18.4544   1.6065  1.4437  -0.4862 0.6707  0.7970  0.5582  0.9834  -0.3421 -2.4035 'X-RAY DIFFRACTION' 
36 ? refined 5.0553   -2.8172  -6.2264  0.1493 0.2388 0.2501 -0.0381 0.0404  0.0551  24.6383   50.1863  33.0682  -19.9165 22.1381   7.8424    -0.4780 -0.4033 0.0847  -0.0797 0.4723  -0.0658 0.2731  -0.4706 0.0057  'X-RAY DIFFRACTION' 
37 ? refined 3.9257   4.9228   -7.7225  0.1707 0.2289 0.3050 0.0241  0.0987  0.0710  5.2932    67.3784  6.8652   -9.1195  44.1401   44.8324   -0.5173 -0.1192 0.1640  -0.8264 0.8312  -0.8183 -1.3886 -0.7780 -0.3138 'X-RAY DIFFRACTION' 
38 ? refined 7.3831   1.0803   -7.4328  0.1511 0.2576 0.2885 -0.0238 0.0434  0.0173  -1.8710   14.0269  19.5237  -14.8886 12.4789   -11.6599  -0.1991 -0.3839 -0.4635 -0.0806 0.1973  0.4822  -0.4375 -0.2758 0.0018  'X-RAY DIFFRACTION' 
39 ? refined 8.5600   8.7217   -6.1672  0.1911 0.1463 0.2974 0.0031  0.0104  0.0337  11.2091   18.1006  43.3593  0.3183   25.9749   42.7177   -2.2554 0.3011  0.8297  -0.4146 0.8537  0.1376  -0.9141 0.0395  1.4017  'X-RAY DIFFRACTION' 
40 ? refined 10.0562  4.3635   -8.4079  0.1350 0.2339 0.2562 -0.0282 0.0610  0.0082  6.4258    42.4988  20.9699  -11.7096 7.0708    -1.3249   -0.3443 0.0481  -0.0971 -0.0415 0.2010  -0.1770 -0.2903 -0.3120 0.1433  'X-RAY DIFFRACTION' 
# 
loop_
_pdbx_refine_tls_group.id 
_pdbx_refine_tls_group.refine_tls_id 
_pdbx_refine_tls_group.beg_label_asym_id 
_pdbx_refine_tls_group.beg_label_seq_id 
_pdbx_refine_tls_group.beg_auth_seq_id 
_pdbx_refine_tls_group.end_label_asym_id 
_pdbx_refine_tls_group.end_label_seq_id 
_pdbx_refine_tls_group.end_auth_seq_id 
_pdbx_refine_tls_group.selection 
_pdbx_refine_tls_group.beg_auth_asym_id 
_pdbx_refine_tls_group.end_auth_asym_id 
_pdbx_refine_tls_group.pdbx_refine_id 
_pdbx_refine_tls_group.selection_details 
1  1  A 1  1  A 1  1  ? A A 'X-RAY DIFFRACTION' ? 
2  2  A 1  1  A 1  1  ? A A 'X-RAY DIFFRACTION' ? 
3  3  A 2  2  A 2  2  ? A A 'X-RAY DIFFRACTION' ? 
4  4  A 2  2  A 2  2  ? A A 'X-RAY DIFFRACTION' ? 
5  5  A 3  3  A 3  3  ? A A 'X-RAY DIFFRACTION' ? 
6  6  A 3  3  A 3  3  ? A A 'X-RAY DIFFRACTION' ? 
7  7  A 4  4  A 4  4  ? A A 'X-RAY DIFFRACTION' ? 
8  8  A 4  4  A 4  4  ? A A 'X-RAY DIFFRACTION' ? 
9  9  A 5  5  A 5  5  ? A A 'X-RAY DIFFRACTION' ? 
10 10 A 5  5  A 5  5  ? A A 'X-RAY DIFFRACTION' ? 
11 11 A 6  6  A 6  6  ? A A 'X-RAY DIFFRACTION' ? 
12 12 A 6  6  A 6  6  ? A A 'X-RAY DIFFRACTION' ? 
13 13 A 7  7  A 7  7  ? A A 'X-RAY DIFFRACTION' ? 
14 14 A 7  7  A 7  7  ? A A 'X-RAY DIFFRACTION' ? 
15 15 A 8  8  A 8  8  ? A A 'X-RAY DIFFRACTION' ? 
16 16 A 8  8  A 8  8  ? A A 'X-RAY DIFFRACTION' ? 
17 17 A 9  9  A 9  9  ? A A 'X-RAY DIFFRACTION' ? 
18 18 A 9  9  A 9  9  ? A A 'X-RAY DIFFRACTION' ? 
19 19 A 10 10 A 10 10 ? A A 'X-RAY DIFFRACTION' ? 
20 20 A 10 10 A 10 10 ? A A 'X-RAY DIFFRACTION' ? 
21 21 B 1  11 B 1  11 ? B B 'X-RAY DIFFRACTION' ? 
22 22 B 1  11 B 1  11 ? B B 'X-RAY DIFFRACTION' ? 
23 23 B 2  12 B 2  12 ? B B 'X-RAY DIFFRACTION' ? 
24 24 B 2  12 B 2  12 ? B B 'X-RAY DIFFRACTION' ? 
25 25 B 3  13 B 3  13 ? B B 'X-RAY DIFFRACTION' ? 
26 26 B 3  13 B 3  13 ? B B 'X-RAY DIFFRACTION' ? 
27 27 B 4  14 B 4  14 ? B B 'X-RAY DIFFRACTION' ? 
28 28 B 4  14 B 4  14 ? B B 'X-RAY DIFFRACTION' ? 
29 29 B 5  15 B 5  15 ? B B 'X-RAY DIFFRACTION' ? 
30 30 B 5  15 B 5  15 ? B B 'X-RAY DIFFRACTION' ? 
31 31 B 6  16 B 6  16 ? B B 'X-RAY DIFFRACTION' ? 
32 32 B 6  16 B 6  16 ? B B 'X-RAY DIFFRACTION' ? 
33 33 B 7  17 B 7  17 ? B B 'X-RAY DIFFRACTION' ? 
34 34 B 7  17 B 7  17 ? B B 'X-RAY DIFFRACTION' ? 
35 35 B 8  18 B 8  18 ? B B 'X-RAY DIFFRACTION' ? 
36 36 B 8  18 B 8  18 ? B B 'X-RAY DIFFRACTION' ? 
37 37 B 9  19 B 9  19 ? B B 'X-RAY DIFFRACTION' ? 
38 38 B 9  19 B 9  19 ? B B 'X-RAY DIFFRACTION' ? 
39 39 B 10 20 B 10 20 ? B B 'X-RAY DIFFRACTION' ? 
40 40 B 10 20 B 10 20 ? B B 'X-RAY DIFFRACTION' ? 
# 
loop_
_chem_comp_atom.comp_id 
_chem_comp_atom.atom_id 
_chem_comp_atom.type_symbol 
_chem_comp_atom.pdbx_aromatic_flag 
_chem_comp_atom.pdbx_stereo_config 
_chem_comp_atom.pdbx_ordinal 
5CM N1     N  N N 1   
5CM C2     C  N N 2   
5CM N3     N  N N 3   
5CM C4     C  N N 4   
5CM C5     C  N N 5   
5CM C5A    C  N N 6   
5CM C6     C  N N 7   
5CM O2     O  N N 8   
5CM N4     N  N N 9   
5CM "C1'"  C  N R 10  
5CM "C2'"  C  N N 11  
5CM "C3'"  C  N S 12  
5CM "C4'"  C  N R 13  
5CM "O4'"  O  N N 14  
5CM "O3'"  O  N N 15  
5CM "C5'"  C  N N 16  
5CM "O5'"  O  N N 17  
5CM P      P  N N 18  
5CM OP1    O  N N 19  
5CM OP2    O  N N 20  
5CM OP3    O  N N 21  
5CM H5A1   H  N N 22  
5CM H5A2   H  N N 23  
5CM H5A3   H  N N 24  
5CM H6     H  N N 25  
5CM HN41   H  N N 26  
5CM HN42   H  N N 27  
5CM "H1'"  H  N N 28  
5CM "H2'"  H  N N 29  
5CM "H2''" H  N N 30  
5CM "H3'"  H  N N 31  
5CM "H4'"  H  N N 32  
5CM "HO3'" H  N N 33  
5CM "H5'"  H  N N 34  
5CM "H5''" H  N N 35  
5CM HOP2   H  N N 36  
5CM HOP3   H  N N 37  
CA  CA     CA N N 38  
DA  OP3    O  N N 39  
DA  P      P  N N 40  
DA  OP1    O  N N 41  
DA  OP2    O  N N 42  
DA  "O5'"  O  N N 43  
DA  "C5'"  C  N N 44  
DA  "C4'"  C  N R 45  
DA  "O4'"  O  N N 46  
DA  "C3'"  C  N S 47  
DA  "O3'"  O  N N 48  
DA  "C2'"  C  N N 49  
DA  "C1'"  C  N R 50  
DA  N9     N  Y N 51  
DA  C8     C  Y N 52  
DA  N7     N  Y N 53  
DA  C5     C  Y N 54  
DA  C6     C  Y N 55  
DA  N6     N  N N 56  
DA  N1     N  Y N 57  
DA  C2     C  Y N 58  
DA  N3     N  Y N 59  
DA  C4     C  Y N 60  
DA  HOP3   H  N N 61  
DA  HOP2   H  N N 62  
DA  "H5'"  H  N N 63  
DA  "H5''" H  N N 64  
DA  "H4'"  H  N N 65  
DA  "H3'"  H  N N 66  
DA  "HO3'" H  N N 67  
DA  "H2'"  H  N N 68  
DA  "H2''" H  N N 69  
DA  "H1'"  H  N N 70  
DA  H8     H  N N 71  
DA  H61    H  N N 72  
DA  H62    H  N N 73  
DA  H2     H  N N 74  
DC  OP3    O  N N 75  
DC  P      P  N N 76  
DC  OP1    O  N N 77  
DC  OP2    O  N N 78  
DC  "O5'"  O  N N 79  
DC  "C5'"  C  N N 80  
DC  "C4'"  C  N R 81  
DC  "O4'"  O  N N 82  
DC  "C3'"  C  N S 83  
DC  "O3'"  O  N N 84  
DC  "C2'"  C  N N 85  
DC  "C1'"  C  N R 86  
DC  N1     N  N N 87  
DC  C2     C  N N 88  
DC  O2     O  N N 89  
DC  N3     N  N N 90  
DC  C4     C  N N 91  
DC  N4     N  N N 92  
DC  C5     C  N N 93  
DC  C6     C  N N 94  
DC  HOP3   H  N N 95  
DC  HOP2   H  N N 96  
DC  "H5'"  H  N N 97  
DC  "H5''" H  N N 98  
DC  "H4'"  H  N N 99  
DC  "H3'"  H  N N 100 
DC  "HO3'" H  N N 101 
DC  "H2'"  H  N N 102 
DC  "H2''" H  N N 103 
DC  "H1'"  H  N N 104 
DC  H41    H  N N 105 
DC  H42    H  N N 106 
DC  H5     H  N N 107 
DC  H6     H  N N 108 
DG  OP3    O  N N 109 
DG  P      P  N N 110 
DG  OP1    O  N N 111 
DG  OP2    O  N N 112 
DG  "O5'"  O  N N 113 
DG  "C5'"  C  N N 114 
DG  "C4'"  C  N R 115 
DG  "O4'"  O  N N 116 
DG  "C3'"  C  N S 117 
DG  "O3'"  O  N N 118 
DG  "C2'"  C  N N 119 
DG  "C1'"  C  N R 120 
DG  N9     N  Y N 121 
DG  C8     C  Y N 122 
DG  N7     N  Y N 123 
DG  C5     C  Y N 124 
DG  C6     C  N N 125 
DG  O6     O  N N 126 
DG  N1     N  N N 127 
DG  C2     C  N N 128 
DG  N2     N  N N 129 
DG  N3     N  N N 130 
DG  C4     C  Y N 131 
DG  HOP3   H  N N 132 
DG  HOP2   H  N N 133 
DG  "H5'"  H  N N 134 
DG  "H5''" H  N N 135 
DG  "H4'"  H  N N 136 
DG  "H3'"  H  N N 137 
DG  "HO3'" H  N N 138 
DG  "H2'"  H  N N 139 
DG  "H2''" H  N N 140 
DG  "H1'"  H  N N 141 
DG  H8     H  N N 142 
DG  H1     H  N N 143 
DG  H21    H  N N 144 
DG  H22    H  N N 145 
DT  OP3    O  N N 146 
DT  P      P  N N 147 
DT  OP1    O  N N 148 
DT  OP2    O  N N 149 
DT  "O5'"  O  N N 150 
DT  "C5'"  C  N N 151 
DT  "C4'"  C  N R 152 
DT  "O4'"  O  N N 153 
DT  "C3'"  C  N S 154 
DT  "O3'"  O  N N 155 
DT  "C2'"  C  N N 156 
DT  "C1'"  C  N R 157 
DT  N1     N  N N 158 
DT  C2     C  N N 159 
DT  O2     O  N N 160 
DT  N3     N  N N 161 
DT  C4     C  N N 162 
DT  O4     O  N N 163 
DT  C5     C  N N 164 
DT  C7     C  N N 165 
DT  C6     C  N N 166 
DT  HOP3   H  N N 167 
DT  HOP2   H  N N 168 
DT  "H5'"  H  N N 169 
DT  "H5''" H  N N 170 
DT  "H4'"  H  N N 171 
DT  "H3'"  H  N N 172 
DT  "HO3'" H  N N 173 
DT  "H2'"  H  N N 174 
DT  "H2''" H  N N 175 
DT  "H1'"  H  N N 176 
DT  H3     H  N N 177 
DT  H71    H  N N 178 
DT  H72    H  N N 179 
DT  H73    H  N N 180 
DT  H6     H  N N 181 
HOH O      O  N N 182 
HOH H1     H  N N 183 
HOH H2     H  N N 184 
# 
loop_
_chem_comp_bond.comp_id 
_chem_comp_bond.atom_id_1 
_chem_comp_bond.atom_id_2 
_chem_comp_bond.value_order 
_chem_comp_bond.pdbx_aromatic_flag 
_chem_comp_bond.pdbx_stereo_config 
_chem_comp_bond.pdbx_ordinal 
5CM N1    C2     sing N N 1   
5CM N1    C6     sing N N 2   
5CM N1    "C1'"  sing N N 3   
5CM C2    N3     sing N N 4   
5CM C2    O2     doub N N 5   
5CM N3    C4     doub N N 6   
5CM C4    C5     sing N N 7   
5CM C4    N4     sing N N 8   
5CM C5    C5A    sing N N 9   
5CM C5    C6     doub N N 10  
5CM C5A   H5A1   sing N N 11  
5CM C5A   H5A2   sing N N 12  
5CM C5A   H5A3   sing N N 13  
5CM C6    H6     sing N N 14  
5CM N4    HN41   sing N N 15  
5CM N4    HN42   sing N N 16  
5CM "C1'" "C2'"  sing N N 17  
5CM "C1'" "O4'"  sing N N 18  
5CM "C1'" "H1'"  sing N N 19  
5CM "C2'" "C3'"  sing N N 20  
5CM "C2'" "H2'"  sing N N 21  
5CM "C2'" "H2''" sing N N 22  
5CM "C3'" "C4'"  sing N N 23  
5CM "C3'" "O3'"  sing N N 24  
5CM "C3'" "H3'"  sing N N 25  
5CM "C4'" "O4'"  sing N N 26  
5CM "C4'" "C5'"  sing N N 27  
5CM "C4'" "H4'"  sing N N 28  
5CM "O3'" "HO3'" sing N N 29  
5CM "C5'" "O5'"  sing N N 30  
5CM "C5'" "H5'"  sing N N 31  
5CM "C5'" "H5''" sing N N 32  
5CM "O5'" P      sing N N 33  
5CM P     OP1    doub N N 34  
5CM P     OP2    sing N N 35  
5CM P     OP3    sing N N 36  
5CM OP2   HOP2   sing N N 37  
5CM OP3   HOP3   sing N N 38  
DA  OP3   P      sing N N 39  
DA  OP3   HOP3   sing N N 40  
DA  P     OP1    doub N N 41  
DA  P     OP2    sing N N 42  
DA  P     "O5'"  sing N N 43  
DA  OP2   HOP2   sing N N 44  
DA  "O5'" "C5'"  sing N N 45  
DA  "C5'" "C4'"  sing N N 46  
DA  "C5'" "H5'"  sing N N 47  
DA  "C5'" "H5''" sing N N 48  
DA  "C4'" "O4'"  sing N N 49  
DA  "C4'" "C3'"  sing N N 50  
DA  "C4'" "H4'"  sing N N 51  
DA  "O4'" "C1'"  sing N N 52  
DA  "C3'" "O3'"  sing N N 53  
DA  "C3'" "C2'"  sing N N 54  
DA  "C3'" "H3'"  sing N N 55  
DA  "O3'" "HO3'" sing N N 56  
DA  "C2'" "C1'"  sing N N 57  
DA  "C2'" "H2'"  sing N N 58  
DA  "C2'" "H2''" sing N N 59  
DA  "C1'" N9     sing N N 60  
DA  "C1'" "H1'"  sing N N 61  
DA  N9    C8     sing Y N 62  
DA  N9    C4     sing Y N 63  
DA  C8    N7     doub Y N 64  
DA  C8    H8     sing N N 65  
DA  N7    C5     sing Y N 66  
DA  C5    C6     sing Y N 67  
DA  C5    C4     doub Y N 68  
DA  C6    N6     sing N N 69  
DA  C6    N1     doub Y N 70  
DA  N6    H61    sing N N 71  
DA  N6    H62    sing N N 72  
DA  N1    C2     sing Y N 73  
DA  C2    N3     doub Y N 74  
DA  C2    H2     sing N N 75  
DA  N3    C4     sing Y N 76  
DC  OP3   P      sing N N 77  
DC  OP3   HOP3   sing N N 78  
DC  P     OP1    doub N N 79  
DC  P     OP2    sing N N 80  
DC  P     "O5'"  sing N N 81  
DC  OP2   HOP2   sing N N 82  
DC  "O5'" "C5'"  sing N N 83  
DC  "C5'" "C4'"  sing N N 84  
DC  "C5'" "H5'"  sing N N 85  
DC  "C5'" "H5''" sing N N 86  
DC  "C4'" "O4'"  sing N N 87  
DC  "C4'" "C3'"  sing N N 88  
DC  "C4'" "H4'"  sing N N 89  
DC  "O4'" "C1'"  sing N N 90  
DC  "C3'" "O3'"  sing N N 91  
DC  "C3'" "C2'"  sing N N 92  
DC  "C3'" "H3'"  sing N N 93  
DC  "O3'" "HO3'" sing N N 94  
DC  "C2'" "C1'"  sing N N 95  
DC  "C2'" "H2'"  sing N N 96  
DC  "C2'" "H2''" sing N N 97  
DC  "C1'" N1     sing N N 98  
DC  "C1'" "H1'"  sing N N 99  
DC  N1    C2     sing N N 100 
DC  N1    C6     sing N N 101 
DC  C2    O2     doub N N 102 
DC  C2    N3     sing N N 103 
DC  N3    C4     doub N N 104 
DC  C4    N4     sing N N 105 
DC  C4    C5     sing N N 106 
DC  N4    H41    sing N N 107 
DC  N4    H42    sing N N 108 
DC  C5    C6     doub N N 109 
DC  C5    H5     sing N N 110 
DC  C6    H6     sing N N 111 
DG  OP3   P      sing N N 112 
DG  OP3   HOP3   sing N N 113 
DG  P     OP1    doub N N 114 
DG  P     OP2    sing N N 115 
DG  P     "O5'"  sing N N 116 
DG  OP2   HOP2   sing N N 117 
DG  "O5'" "C5'"  sing N N 118 
DG  "C5'" "C4'"  sing N N 119 
DG  "C5'" "H5'"  sing N N 120 
DG  "C5'" "H5''" sing N N 121 
DG  "C4'" "O4'"  sing N N 122 
DG  "C4'" "C3'"  sing N N 123 
DG  "C4'" "H4'"  sing N N 124 
DG  "O4'" "C1'"  sing N N 125 
DG  "C3'" "O3'"  sing N N 126 
DG  "C3'" "C2'"  sing N N 127 
DG  "C3'" "H3'"  sing N N 128 
DG  "O3'" "HO3'" sing N N 129 
DG  "C2'" "C1'"  sing N N 130 
DG  "C2'" "H2'"  sing N N 131 
DG  "C2'" "H2''" sing N N 132 
DG  "C1'" N9     sing N N 133 
DG  "C1'" "H1'"  sing N N 134 
DG  N9    C8     sing Y N 135 
DG  N9    C4     sing Y N 136 
DG  C8    N7     doub Y N 137 
DG  C8    H8     sing N N 138 
DG  N7    C5     sing Y N 139 
DG  C5    C6     sing N N 140 
DG  C5    C4     doub Y N 141 
DG  C6    O6     doub N N 142 
DG  C6    N1     sing N N 143 
DG  N1    C2     sing N N 144 
DG  N1    H1     sing N N 145 
DG  C2    N2     sing N N 146 
DG  C2    N3     doub N N 147 
DG  N2    H21    sing N N 148 
DG  N2    H22    sing N N 149 
DG  N3    C4     sing N N 150 
DT  OP3   P      sing N N 151 
DT  OP3   HOP3   sing N N 152 
DT  P     OP1    doub N N 153 
DT  P     OP2    sing N N 154 
DT  P     "O5'"  sing N N 155 
DT  OP2   HOP2   sing N N 156 
DT  "O5'" "C5'"  sing N N 157 
DT  "C5'" "C4'"  sing N N 158 
DT  "C5'" "H5'"  sing N N 159 
DT  "C5'" "H5''" sing N N 160 
DT  "C4'" "O4'"  sing N N 161 
DT  "C4'" "C3'"  sing N N 162 
DT  "C4'" "H4'"  sing N N 163 
DT  "O4'" "C1'"  sing N N 164 
DT  "C3'" "O3'"  sing N N 165 
DT  "C3'" "C2'"  sing N N 166 
DT  "C3'" "H3'"  sing N N 167 
DT  "O3'" "HO3'" sing N N 168 
DT  "C2'" "C1'"  sing N N 169 
DT  "C2'" "H2'"  sing N N 170 
DT  "C2'" "H2''" sing N N 171 
DT  "C1'" N1     sing N N 172 
DT  "C1'" "H1'"  sing N N 173 
DT  N1    C2     sing N N 174 
DT  N1    C6     sing N N 175 
DT  C2    O2     doub N N 176 
DT  C2    N3     sing N N 177 
DT  N3    C4     sing N N 178 
DT  N3    H3     sing N N 179 
DT  C4    O4     doub N N 180 
DT  C4    C5     sing N N 181 
DT  C5    C7     sing N N 182 
DT  C5    C6     doub N N 183 
DT  C7    H71    sing N N 184 
DT  C7    H72    sing N N 185 
DT  C7    H73    sing N N 186 
DT  C6    H6     sing N N 187 
HOH O     H1     sing N N 188 
HOH O     H2     sing N N 189 
# 
_ndb_struct_conf_na.entry_id   1L6B 
_ndb_struct_conf_na.feature    'b-form double helix' 
# 
loop_
_ndb_struct_na_base_pair.model_number 
_ndb_struct_na_base_pair.i_label_asym_id 
_ndb_struct_na_base_pair.i_label_comp_id 
_ndb_struct_na_base_pair.i_label_seq_id 
_ndb_struct_na_base_pair.i_symmetry 
_ndb_struct_na_base_pair.j_label_asym_id 
_ndb_struct_na_base_pair.j_label_comp_id 
_ndb_struct_na_base_pair.j_label_seq_id 
_ndb_struct_na_base_pair.j_symmetry 
_ndb_struct_na_base_pair.shear 
_ndb_struct_na_base_pair.stretch 
_ndb_struct_na_base_pair.stagger 
_ndb_struct_na_base_pair.buckle 
_ndb_struct_na_base_pair.propeller 
_ndb_struct_na_base_pair.opening 
_ndb_struct_na_base_pair.pair_number 
_ndb_struct_na_base_pair.pair_name 
_ndb_struct_na_base_pair.i_auth_asym_id 
_ndb_struct_na_base_pair.i_auth_seq_id 
_ndb_struct_na_base_pair.i_PDB_ins_code 
_ndb_struct_na_base_pair.j_auth_asym_id 
_ndb_struct_na_base_pair.j_auth_seq_id 
_ndb_struct_na_base_pair.j_PDB_ins_code 
_ndb_struct_na_base_pair.hbond_type_28 
_ndb_struct_na_base_pair.hbond_type_12 
1 A DC 1 1_555 B DG  10 1_555 0.644  -0.082 0.088 -3.619 -12.774 2.943  1 A_DC1:DG20_B  A 1 ? B 20 ? 19 1 
1 A DC 2 1_555 B DG  9  1_555 0.289  -0.222 0.159 -0.676 -2.438  -0.141 2 A_DC2:DG19_B  A 2 ? B 19 ? 19 1 
1 A DG 3 1_555 B 5CM 8  1_555 -0.328 -0.286 0.141 2.922  -1.025  -6.680 3 A_DG3:5CM18_B A 3 ? B 18 ? 19 1 
1 A DG 4 1_555 B DC  7  1_555 -0.203 0.006  0.111 0.230  -12.149 4.350  4 A_DG4:DC17_B  A 4 ? B 17 ? 19 1 
1 A DT 5 1_555 B DA  6  1_555 0.063  -0.080 0.062 -2.699 -16.581 1.008  5 A_DT5:DA16_B  A 5 ? B 16 ? 20 1 
1 A DA 6 1_555 B DT  5  1_555 0.030  -0.164 0.105 -2.500 -10.310 2.117  6 A_DA6:DT15_B  A 6 ? B 15 ? 20 1 
# 
loop_
_ndb_struct_na_base_pair_step.model_number 
_ndb_struct_na_base_pair_step.i_label_asym_id_1 
_ndb_struct_na_base_pair_step.i_label_comp_id_1 
_ndb_struct_na_base_pair_step.i_label_seq_id_1 
_ndb_struct_na_base_pair_step.i_symmetry_1 
_ndb_struct_na_base_pair_step.j_label_asym_id_1 
_ndb_struct_na_base_pair_step.j_label_comp_id_1 
_ndb_struct_na_base_pair_step.j_label_seq_id_1 
_ndb_struct_na_base_pair_step.j_symmetry_1 
_ndb_struct_na_base_pair_step.i_label_asym_id_2 
_ndb_struct_na_base_pair_step.i_label_comp_id_2 
_ndb_struct_na_base_pair_step.i_label_seq_id_2 
_ndb_struct_na_base_pair_step.i_symmetry_2 
_ndb_struct_na_base_pair_step.j_label_asym_id_2 
_ndb_struct_na_base_pair_step.j_label_comp_id_2 
_ndb_struct_na_base_pair_step.j_label_seq_id_2 
_ndb_struct_na_base_pair_step.j_symmetry_2 
_ndb_struct_na_base_pair_step.shift 
_ndb_struct_na_base_pair_step.slide 
_ndb_struct_na_base_pair_step.rise 
_ndb_struct_na_base_pair_step.tilt 
_ndb_struct_na_base_pair_step.roll 
_ndb_struct_na_base_pair_step.twist 
_ndb_struct_na_base_pair_step.x_displacement 
_ndb_struct_na_base_pair_step.y_displacement 
_ndb_struct_na_base_pair_step.helical_rise 
_ndb_struct_na_base_pair_step.inclination 
_ndb_struct_na_base_pair_step.tip 
_ndb_struct_na_base_pair_step.helical_twist 
_ndb_struct_na_base_pair_step.step_number 
_ndb_struct_na_base_pair_step.step_name 
_ndb_struct_na_base_pair_step.i_auth_asym_id_1 
_ndb_struct_na_base_pair_step.i_auth_seq_id_1 
_ndb_struct_na_base_pair_step.i_PDB_ins_code_1 
_ndb_struct_na_base_pair_step.j_auth_asym_id_1 
_ndb_struct_na_base_pair_step.j_auth_seq_id_1 
_ndb_struct_na_base_pair_step.j_PDB_ins_code_1 
_ndb_struct_na_base_pair_step.i_auth_asym_id_2 
_ndb_struct_na_base_pair_step.i_auth_seq_id_2 
_ndb_struct_na_base_pair_step.i_PDB_ins_code_2 
_ndb_struct_na_base_pair_step.j_auth_asym_id_2 
_ndb_struct_na_base_pair_step.j_auth_seq_id_2 
_ndb_struct_na_base_pair_step.j_PDB_ins_code_2 
1 A DC 1 1_555 B DG  10 1_555 A DC 2 1_555 B DG  9 1_555 0.155  2.546 3.507 3.728  5.693  37.453 3.086 0.298  3.837 8.777  -5.747 
38.045 1 AA_DC1DC2:DG19DG20_BB  A 1 ? B 20 ? A 2 ? B 19 ? 
1 A DC 2 1_555 B DG  9  1_555 A DG 3 1_555 B 5CM 8 1_555 0.018  2.488 3.269 0.021  -1.022 37.028 4.052 -0.025 3.201 -1.609 -0.034 
37.042 2 AA_DC2DG3:5CM18DG19_BB A 2 ? B 19 ? A 3 ? B 18 ? 
1 A DG 3 1_555 B 5CM 8  1_555 A DG 4 1_555 B DC  7 1_555 -0.579 1.623 3.500 -4.596 3.688  38.041 1.957 0.249  3.678 5.616  6.999  
38.477 3 AA_DG3DG4:DC175CM18_BB A 3 ? B 18 ? A 4 ? B 17 ? 
1 A DG 4 1_555 B DC  7  1_555 A DT 5 1_555 B DA  6 1_555 -0.302 0.618 3.429 0.655  -1.398 37.559 1.149 0.557  3.399 -2.171 -1.017 
37.589 4 AA_DG4DT5:DA16DC17_BB  A 4 ? B 17 ? A 5 ? B 16 ? 
1 A DT 5 1_555 B DA  6  1_555 A DA 6 1_555 B DT  5 1_555 0.897  1.353 3.295 1.597  1.089  41.507 1.790 -1.092 3.359 1.536  -2.252 
41.550 5 AA_DT5DA6:DT15DA16_BB  A 5 ? B 16 ? A 6 ? B 15 ? 
# 
_atom_sites.entry_id                    1L6B 
_atom_sites.fract_transf_matrix[1][1]   -0.00506404 
_atom_sites.fract_transf_matrix[1][2]   -0.00694894 
_atom_sites.fract_transf_matrix[1][3]   0.01378441 
_atom_sites.fract_transf_matrix[2][1]   -0.03047621 
_atom_sites.fract_transf_matrix[2][2]   -0.01755018 
_atom_sites.fract_transf_matrix[2][3]   -0.02004349 
_atom_sites.fract_transf_matrix[3][1]   0.01260769 
_atom_sites.fract_transf_matrix[3][2]   -0.02566241 
_atom_sites.fract_transf_matrix[3][3]   0.00330008 
_atom_sites.fract_transf_vector[1]      -0.040061 
_atom_sites.fract_transf_vector[2]      0.027571 
_atom_sites.fract_transf_vector[3]      0.652703 
# 
loop_
_atom_type.symbol 
C  
CA 
N  
O  
P  
# 
loop_
_atom_site.group_PDB 
_atom_site.id 
_atom_site.type_symbol 
_atom_site.label_atom_id 
_atom_site.label_alt_id 
_atom_site.label_comp_id 
_atom_site.label_asym_id 
_atom_site.label_entity_id 
_atom_site.label_seq_id 
_atom_site.pdbx_PDB_ins_code 
_atom_site.Cartn_x 
_atom_site.Cartn_y 
_atom_site.Cartn_z 
_atom_site.occupancy 
_atom_site.B_iso_or_equiv 
_atom_site.pdbx_formal_charge 
_atom_site.auth_seq_id 
_atom_site.auth_comp_id 
_atom_site.auth_asym_id 
_atom_site.auth_atom_id 
_atom_site.pdbx_PDB_model_num 
ATOM   1   O  "O5'" . DC  A 1 1  ? 12.500  -6.278  -7.672  1.00 12.38 ? 1   DC  A "O5'" 1 
ATOM   2   C  "C5'" . DC  A 1 1  ? 13.854  -6.071  -8.084  1.00 9.97  ? 1   DC  A "C5'" 1 
ATOM   3   C  "C4'" . DC  A 1 1  ? 14.282  -4.635  -7.947  1.00 8.87  ? 1   DC  A "C4'" 1 
ATOM   4   O  "O4'" . DC  A 1 1  ? 13.534  -3.861  -8.872  1.00 8.63  ? 1   DC  A "O4'" 1 
ATOM   5   C  "C3'" . DC  A 1 1  ? 14.007  -4.023  -6.567  1.00 8.98  ? 1   DC  A "C3'" 1 
ATOM   6   O  "O3'" . DC  A 1 1  ? 15.235  -3.357  -6.217  1.00 9.83  ? 1   DC  A "O3'" 1 
ATOM   7   C  "C2'" . DC  A 1 1  ? 12.877  -3.046  -6.790  1.00 6.73  ? 1   DC  A "C2'" 1 
ATOM   8   C  "C1'" . DC  A 1 1  ? 13.083  -2.691  -8.240  1.00 7.50  ? 1   DC  A "C1'" 1 
ATOM   9   N  N1    . DC  A 1 1  ? 11.941  -2.126  -8.984  1.00 7.37  ? 1   DC  A N1    1 
ATOM   10  C  C2    . DC  A 1 1  ? 11.680  -0.763  -8.741  1.00 8.21  ? 1   DC  A C2    1 
ATOM   11  O  O2    . DC  A 1 1  ? 12.373  -0.194  -7.881  1.00 7.06  ? 1   DC  A O2    1 
ATOM   12  N  N3    . DC  A 1 1  ? 10.682  -0.164  -9.438  1.00 6.97  ? 1   DC  A N3    1 
ATOM   13  C  C4    . DC  A 1 1  ? 10.001  -0.884  -10.347 1.00 9.26  ? 1   DC  A C4    1 
ATOM   14  N  N4    . DC  A 1 1  ? 9.067   -0.250  -11.067 1.00 9.98  ? 1   DC  A N4    1 
ATOM   15  C  C5    . DC  A 1 1  ? 10.264  -2.286  -10.571 1.00 10.13 ? 1   DC  A C5    1 
ATOM   16  C  C6    . DC  A 1 1  ? 11.238  -2.858  -9.892  1.00 8.58  ? 1   DC  A C6    1 
ATOM   17  P  P     . DC  A 1 2  ? 16.137  -3.968  -5.081  1.00 13.25 ? 2   DC  A P     1 
ATOM   18  O  OP1   . DC  A 1 2  ? 17.343  -3.118  -5.132  1.00 14.96 ? 2   DC  A OP1   1 
ATOM   19  O  OP2   . DC  A 1 2  ? 16.254  -5.394  -5.442  1.00 14.83 ? 2   DC  A OP2   1 
ATOM   20  O  "O5'" . DC  A 1 2  ? 15.347  -3.879  -3.697  1.00 14.10 ? 2   DC  A "O5'" 1 
ATOM   21  C  "C5'" . DC  A 1 2  ? 15.211  -2.622  -3.022  1.00 14.24 ? 2   DC  A "C5'" 1 
ATOM   22  C  "C4'" . DC  A 1 2  ? 13.848  -2.537  -2.339  1.00 15.70 ? 2   DC  A "C4'" 1 
ATOM   23  O  "O4'" . DC  A 1 2  ? 12.793  -2.555  -3.322  1.00 13.16 ? 2   DC  A "O4'" 1 
ATOM   24  C  "C3'" . DC  A 1 2  ? 13.541  -3.740  -1.467  1.00 16.74 ? 2   DC  A "C3'" 1 
ATOM   25  O  "O3'" . DC  A 1 2  ? 13.053  -3.306  -0.211  1.00 19.98 ? 2   DC  A "O3'" 1 
ATOM   26  C  "C2'" . DC  A 1 2  ? 12.451  -4.474  -2.240  1.00 14.83 ? 2   DC  A "C2'" 1 
ATOM   27  C  "C1'" . DC  A 1 2  ? 11.679  -3.275  -2.765  1.00 12.45 ? 2   DC  A "C1'" 1 
ATOM   28  N  N1    . DC  A 1 2  ? 10.807  -3.538  -3.958  1.00 7.53  ? 2   DC  A N1    1 
ATOM   29  C  C2    . DC  A 1 2  ? 10.130  -2.438  -4.499  1.00 6.51  ? 2   DC  A C2    1 
ATOM   30  O  O2    . DC  A 1 2  ? 10.217  -1.355  -3.923  1.00 8.91  ? 2   DC  A O2    1 
ATOM   31  N  N3    . DC  A 1 2  ? 9.396   -2.575  -5.621  1.00 6.45  ? 2   DC  A N3    1 
ATOM   32  C  C4    . DC  A 1 2  ? 9.282   -3.744  -6.222  1.00 5.35  ? 2   DC  A C4    1 
ATOM   33  N  N4    . DC  A 1 2  ? 8.544   -3.801  -7.353  1.00 7.54  ? 2   DC  A N4    1 
ATOM   34  C  C5    . DC  A 1 2  ? 9.953   -4.916  -5.695  1.00 7.40  ? 2   DC  A C5    1 
ATOM   35  C  C6    . DC  A 1 2  ? 10.692  -4.770  -4.567  1.00 7.18  ? 2   DC  A C6    1 
ATOM   36  P  P     . DG  A 1 3  ? 14.007  -3.537  1.054   1.00 23.33 ? 3   DG  A P     1 
ATOM   37  O  OP1   . DG  A 1 3  ? 15.374  -3.392  0.505   1.00 24.81 ? 3   DG  A OP1   1 
ATOM   38  O  OP2   . DG  A 1 3  ? 13.596  -4.792  1.701   1.00 23.17 ? 3   DG  A OP2   1 
ATOM   39  O  "O5'" . DG  A 1 3  ? 13.577  -2.340  2.015   1.00 22.99 ? 3   DG  A "O5'" 1 
ATOM   40  C  "C5'" . DG  A 1 3  ? 13.266  -1.050  1.480   1.00 22.89 ? 3   DG  A "C5'" 1 
ATOM   41  C  "C4'" . DG  A 1 3  ? 11.869  -0.558  1.847   1.00 22.49 ? 3   DG  A "C4'" 1 
ATOM   42  O  "O4'" . DG  A 1 3  ? 10.902  -1.021  0.874   1.00 21.55 ? 3   DG  A "O4'" 1 
ATOM   43  C  "C3'" . DG  A 1 3  ? 11.280  -0.986  3.185   1.00 23.41 ? 3   DG  A "C3'" 1 
ATOM   44  O  "O3'" . DG  A 1 3  ? 10.370  0.029   3.635   1.00 25.61 ? 3   DG  A "O3'" 1 
ATOM   45  C  "C2'" . DG  A 1 3  ? 10.503  -2.241  2.786   1.00 21.82 ? 3   DG  A "C2'" 1 
ATOM   46  C  "C1'" . DG  A 1 3  ? 9.840   -1.705  1.520   1.00 20.66 ? 3   DG  A "C1'" 1 
ATOM   47  N  N9    . DG  A 1 3  ? 9.382   -2.661  0.525   1.00 16.57 ? 3   DG  A N9    1 
ATOM   48  C  C8    . DG  A 1 3  ? 9.647   -3.998  0.446   1.00 15.79 ? 3   DG  A C8    1 
ATOM   49  N  N7    . DG  A 1 3  ? 9.106   -4.575  -0.592  1.00 14.76 ? 3   DG  A N7    1 
ATOM   50  C  C5    . DG  A 1 3  ? 8.438   -3.544  -1.235  1.00 13.89 ? 3   DG  A C5    1 
ATOM   51  C  C6    . DG  A 1 3  ? 7.724   -3.565  -2.422  1.00 11.13 ? 3   DG  A C6    1 
ATOM   52  O  O6    . DG  A 1 3  ? 7.504   -4.545  -3.128  1.00 14.42 ? 3   DG  A O6    1 
ATOM   53  N  N1    . DG  A 1 3  ? 7.193   -2.313  -2.734  1.00 12.02 ? 3   DG  A N1    1 
ATOM   54  C  C2    . DG  A 1 3  ? 7.395   -1.151  -2.027  1.00 13.19 ? 3   DG  A C2    1 
ATOM   55  N  N2    . DG  A 1 3  ? 6.805   -0.029  -2.510  1.00 13.11 ? 3   DG  A N2    1 
ATOM   56  N  N3    . DG  A 1 3  ? 8.119   -1.128  -0.902  1.00 14.27 ? 3   DG  A N3    1 
ATOM   57  C  C4    . DG  A 1 3  ? 8.609   -2.347  -0.578  1.00 15.63 ? 3   DG  A C4    1 
ATOM   58  P  P     . DG  A 1 4  ? 10.726  1.028   4.835   1.00 27.28 ? 4   DG  A P     1 
ATOM   59  O  OP1   . DG  A 1 4  ? 11.962  1.795   4.592   1.00 28.27 ? 4   DG  A OP1   1 
ATOM   60  O  OP2   . DG  A 1 4  ? 10.557  0.237   6.077   1.00 27.95 ? 4   DG  A OP2   1 
ATOM   61  O  "O5'" . DG  A 1 4  ? 9.520   2.080   4.770   1.00 28.18 ? 4   DG  A "O5'" 1 
ATOM   62  C  "C5'" . DG  A 1 4  ? 9.567   3.110   3.789   1.00 27.40 ? 4   DG  A "C5'" 1 
ATOM   63  C  "C4'" . DG  A 1 4  ? 8.167   3.523   3.388   1.00 28.27 ? 4   DG  A "C4'" 1 
ATOM   64  O  "O4'" . DG  A 1 4  ? 7.562   2.484   2.585   1.00 27.50 ? 4   DG  A "O4'" 1 
ATOM   65  C  "C3'" . DG  A 1 4  ? 7.183   3.730   4.533   1.00 27.65 ? 4   DG  A "C3'" 1 
ATOM   66  O  "O3'" . DG  A 1 4  ? 6.273   4.768   4.146   1.00 29.85 ? 4   DG  A "O3'" 1 
ATOM   67  C  "C2'" . DG  A 1 4  ? 6.494   2.359   4.651   1.00 26.97 ? 4   DG  A "C2'" 1 
ATOM   68  C  "C1'" . DG  A 1 4  ? 6.385   1.942   3.189   1.00 23.91 ? 4   DG  A "C1'" 1 
ATOM   69  N  N9    . DG  A 1 4  ? 6.424   0.500   2.906   1.00 23.97 ? 4   DG  A N9    1 
ATOM   70  C  C8    . DG  A 1 4  ? 7.141   -0.424  3.614   1.00 22.42 ? 4   DG  A C8    1 
ATOM   71  N  N7    . DG  A 1 4  ? 7.031   -1.642  3.167   1.00 23.64 ? 4   DG  A N7    1 
ATOM   72  C  C5    . DG  A 1 4  ? 6.202   -1.519  2.055   1.00 21.50 ? 4   DG  A C5    1 
ATOM   73  C  C6    . DG  A 1 4  ? 5.755   -2.522  1.161   1.00 20.49 ? 4   DG  A C6    1 
ATOM   74  O  O6    . DG  A 1 4  ? 6.039   -3.729  1.200   1.00 24.01 ? 4   DG  A O6    1 
ATOM   75  N  N1    . DG  A 1 4  ? 4.942   -1.994  0.164   1.00 19.92 ? 4   DG  A N1    1 
ATOM   76  C  C2    . DG  A 1 4  ? 4.567   -0.668  0.090   1.00 19.87 ? 4   DG  A C2    1 
ATOM   77  N  N2    . DG  A 1 4  ? 3.737   -0.324  -0.902  1.00 20.35 ? 4   DG  A N2    1 
ATOM   78  N  N3    . DG  A 1 4  ? 4.999   0.288   0.914   1.00 21.30 ? 4   DG  A N3    1 
ATOM   79  C  C4    . DG  A 1 4  ? 5.810   -0.217  1.878   1.00 21.79 ? 4   DG  A C4    1 
ATOM   80  P  P     . DT  A 1 5  ? 5.189   5.332   5.174   1.00 30.61 ? 5   DT  A P     1 
ATOM   81  O  OP1   . DT  A 1 5  ? 5.643   6.696   5.508   1.00 31.22 ? 5   DT  A OP1   1 
ATOM   82  O  OP2   . DT  A 1 5  ? 5.049   4.313   6.240   1.00 30.58 ? 5   DT  A OP2   1 
ATOM   83  O  "O5'" . DT  A 1 5  ? 3.812   5.382   4.348   1.00 28.95 ? 5   DT  A "O5'" 1 
ATOM   84  C  "C5'" . DT  A 1 5  ? 3.822   5.391   2.912   1.00 26.94 ? 5   DT  A "C5'" 1 
ATOM   85  C  "C4'" . DT  A 1 5  ? 2.620   4.715   2.273   1.00 24.76 ? 5   DT  A "C4'" 1 
ATOM   86  O  "O4'" . DT  A 1 5  ? 2.779   3.274   2.264   1.00 23.97 ? 5   DT  A "O4'" 1 
ATOM   87  C  "C3'" . DT  A 1 5  ? 1.246   4.983   2.882   1.00 24.81 ? 5   DT  A "C3'" 1 
ATOM   88  O  "O3'" . DT  A 1 5  ? 0.457   5.502   1.784   1.00 23.92 ? 5   DT  A "O3'" 1 
ATOM   89  C  "C2'" . DT  A 1 5  ? 0.800   3.628   3.472   1.00 22.00 ? 5   DT  A "C2'" 1 
ATOM   90  C  "C1'" . DT  A 1 5  ? 1.588   2.603   2.657   1.00 21.13 ? 5   DT  A "C1'" 1 
ATOM   91  N  N1    . DT  A 1 5  ? 2.103   1.333   3.275   1.00 18.95 ? 5   DT  A N1    1 
ATOM   92  C  C2    . DT  A 1 5  ? 1.914   0.162   2.552   1.00 18.79 ? 5   DT  A C2    1 
ATOM   93  O  O2    . DT  A 1 5  ? 1.289   0.124   1.499   1.00 17.21 ? 5   DT  A O2    1 
ATOM   94  N  N3    . DT  A 1 5  ? 2.468   -0.963  3.087   1.00 17.12 ? 5   DT  A N3    1 
ATOM   95  C  C4    . DT  A 1 5  ? 3.161   -1.057  4.269   1.00 18.63 ? 5   DT  A C4    1 
ATOM   96  O  O4    . DT  A 1 5  ? 3.617   -2.124  4.685   1.00 19.73 ? 5   DT  A O4    1 
ATOM   97  C  C5    . DT  A 1 5  ? 3.345   0.196   4.971   1.00 20.26 ? 5   DT  A C5    1 
ATOM   98  C  C7    . DT  A 1 5  ? 3.885   0.174   6.371   1.00 19.83 ? 5   DT  A C7    1 
ATOM   99  C  C6    . DT  A 1 5  ? 2.830   1.311   4.441   1.00 19.50 ? 5   DT  A C6    1 
ATOM   100 P  P     . DA  A 1 6  ? -1.065  5.943   1.977   1.00 23.84 ? 6   DA  A P     1 
ATOM   101 O  OP1   . DA  A 1 6  ? -1.468  6.753   0.818   1.00 25.19 ? 6   DA  A OP1   1 
ATOM   102 O  OP2   . DA  A 1 6  ? -1.263  6.445   3.362   1.00 23.72 ? 6   DA  A OP2   1 
ATOM   103 O  "O5'" . DA  A 1 6  ? -1.846  4.571   1.797   1.00 20.30 ? 6   DA  A "O5'" 1 
ATOM   104 C  "C5'" . DA  A 1 6  ? -1.720  3.869   0.575   1.00 17.81 ? 6   DA  A "C5'" 1 
ATOM   105 C  "C4'" . DA  A 1 6  ? -2.643  2.665   0.656   1.00 13.36 ? 6   DA  A "C4'" 1 
ATOM   106 O  "O4'" . DA  A 1 6  ? -2.019  1.686   1.528   1.00 13.89 ? 6   DA  A "O4'" 1 
ATOM   107 C  "C3'" . DA  A 1 6  ? -4.030  2.960   1.249   1.00 12.11 ? 6   DA  A "C3'" 1 
ATOM   108 O  "O3'" . DA  A 1 6  ? -4.986  2.169   0.510   1.00 11.75 ? 6   DA  A "O3'" 1 
ATOM   109 C  "C2'" . DA  A 1 6  ? -3.849  2.502   2.707   1.00 12.22 ? 6   DA  A "C2'" 1 
ATOM   110 C  "C1'" . DA  A 1 6  ? -2.935  1.292   2.536   1.00 8.37  ? 6   DA  A "C1'" 1 
ATOM   111 N  N9    . DA  A 1 6  ? -2.094  0.896   3.668   1.00 8.05  ? 6   DA  A N9    1 
ATOM   112 C  C8    . DA  A 1 6  ? -1.642  1.633   4.723   1.00 8.16  ? 6   DA  A C8    1 
ATOM   113 N  N7    . DA  A 1 6  ? -0.884  0.948   5.551   1.00 8.72  ? 6   DA  A N7    1 
ATOM   114 C  C5    . DA  A 1 6  ? -0.779  -0.303  4.984   1.00 5.88  ? 6   DA  A C5    1 
ATOM   115 C  C6    . DA  A 1 6  ? -0.111  -1.486  5.395   1.00 6.94  ? 6   DA  A C6    1 
ATOM   116 N  N6    . DA  A 1 6  ? 0.664   -1.550  6.479   1.00 8.92  ? 6   DA  A N6    1 
ATOM   117 N  N1    . DA  A 1 6  ? -0.253  -2.588  4.626   1.00 6.83  ? 6   DA  A N1    1 
ATOM   118 C  C2    . DA  A 1 6  ? -1.010  -2.471  3.528   1.00 4.38  ? 6   DA  A C2    1 
ATOM   119 N  N3    . DA  A 1 6  ? -1.691  -1.427  3.058   1.00 5.78  ? 6   DA  A N3    1 
ATOM   120 C  C4    . DA  A 1 6  ? -1.515  -0.359  3.829   1.00 7.11  ? 6   DA  A C4    1 
ATOM   121 P  P     . DC  A 1 7  ? -5.549  2.623   -0.953  1.00 12.28 ? 7   DC  A P     1 
ATOM   122 O  OP1   . DC  A 1 7  ? -6.325  1.488   -1.526  1.00 13.43 ? 7   DC  A OP1   1 
ATOM   123 O  OP2   . DC  A 1 7  ? -4.515  3.279   -1.788  1.00 15.69 ? 7   DC  A OP2   1 
ATOM   124 O  "O5'" . DC  A 1 7  ? -6.648  3.742   -0.612  1.00 14.09 ? 7   DC  A "O5'" 1 
ATOM   125 C  "C5'" . DC  A 1 7  ? -7.772  3.490   0.192   1.00 13.74 ? 7   DC  A "C5'" 1 
ATOM   126 C  "C4'" . DC  A 1 7  ? -8.782  4.657   0.215   1.00 11.92 ? 7   DC  A "C4'" 1 
ATOM   127 O  "O4'" . DC  A 1 7  ? -8.168  5.843   0.733   1.00 9.60  ? 7   DC  A "O4'" 1 
ATOM   128 C  "C3'" . DC  A 1 7  ? -9.547  5.078   -1.039  1.00 10.22 ? 7   DC  A "C3'" 1 
ATOM   129 O  "O3'" . DC  A 1 7  ? -10.893 5.217   -0.638  1.00 15.04 ? 7   DC  A "O3'" 1 
ATOM   130 C  "C2'" . DC  A 1 7  ? -8.971  6.460   -1.368  1.00 9.27  ? 7   DC  A "C2'" 1 
ATOM   131 C  "C1'" . DC  A 1 7  ? -8.547  6.971   -0.004  1.00 6.50  ? 7   DC  A "C1'" 1 
ATOM   132 N  N1    . DC  A 1 7  ? -7.368  7.858   0.021   1.00 5.57  ? 7   DC  A N1    1 
ATOM   133 C  C2    . DC  A 1 7  ? -7.598  9.227   -0.141  1.00 3.42  ? 7   DC  A C2    1 
ATOM   134 O  O2    . DC  A 1 7  ? -8.775  9.564   -0.302  1.00 6.12  ? 7   DC  A O2    1 
ATOM   135 N  N3    . DC  A 1 7  ? -6.547  10.071  -0.121  1.00 3.44  ? 7   DC  A N3    1 
ATOM   136 C  C4    . DC  A 1 7  ? -5.317  9.601   0.082   1.00 2.00  ? 7   DC  A C4    1 
ATOM   137 N  N4    . DC  A 1 7  ? -4.309  10.496  0.146   1.00 3.14  ? 7   DC  A N4    1 
ATOM   138 C  C5    . DC  A 1 7  ? -5.073  8.190   0.234   1.00 4.04  ? 7   DC  A C5    1 
ATOM   139 C  C6    . DC  A 1 7  ? -6.115  7.361   0.174   1.00 2.94  ? 7   DC  A C6    1 
HETATM 140 N  N1    . 5CM A 1 8  ? -9.194  7.307   -4.901  1.00 7.72  ? 8   5CM A N1    1 
HETATM 141 C  C2    . 5CM A 1 8  ? -8.613  8.549   -4.620  1.00 7.35  ? 8   5CM A C2    1 
HETATM 142 N  N3    . 5CM A 1 8  ? -7.315  8.555   -4.175  1.00 3.94  ? 8   5CM A N3    1 
HETATM 143 C  C4    . 5CM A 1 8  ? -6.620  7.436   -4.019  1.00 5.93  ? 8   5CM A C4    1 
HETATM 144 C  C5    . 5CM A 1 8  ? -7.186  6.176   -4.330  1.00 5.63  ? 8   5CM A C5    1 
HETATM 145 C  C5A   . 5CM A 1 8  ? -6.328  4.928   -4.338  1.00 8.02  ? 8   5CM A C5A   1 
HETATM 146 C  C6    . 5CM A 1 8  ? -8.460  6.142   -4.742  1.00 5.76  ? 8   5CM A C6    1 
HETATM 147 O  O2    . 5CM A 1 8  ? -9.267  9.609   -4.803  1.00 5.25  ? 8   5CM A O2    1 
HETATM 148 N  N4    . 5CM A 1 8  ? -5.351  7.532   -3.546  1.00 4.20  ? 8   5CM A N4    1 
HETATM 149 C  "C1'" . 5CM A 1 8  ? -10.625 7.315   -5.294  1.00 11.73 ? 8   5CM A "C1'" 1 
HETATM 150 C  "C2'" . 5CM A 1 8  ? -11.287 5.984   -5.638  1.00 13.07 ? 8   5CM A "C2'" 1 
HETATM 151 C  "C3'" . 5CM A 1 8  ? -12.738 6.378   -5.357  1.00 13.52 ? 8   5CM A "C3'" 1 
HETATM 152 C  "C4'" . 5CM A 1 8  ? -12.637 7.192   -4.063  1.00 14.38 ? 8   5CM A "C4'" 1 
HETATM 153 O  "O4'" . 5CM A 1 8  ? -11.264 7.674   -4.056  1.00 12.77 ? 8   5CM A "O4'" 1 
HETATM 154 O  "O3'" . 5CM A 1 8  ? -13.263 7.183   -6.412  1.00 17.79 ? 8   5CM A "O3'" 1 
HETATM 155 C  "C5'" . 5CM A 1 8  ? -12.977 6.452   -2.778  1.00 16.58 ? 8   5CM A "C5'" 1 
HETATM 156 O  "O5'" . 5CM A 1 8  ? -12.246 5.248   -2.745  1.00 15.96 ? 8   5CM A "O5'" 1 
HETATM 157 P  P     . 5CM A 1 8  ? -12.071 4.441   -1.373  1.00 17.25 ? 8   5CM A P     1 
HETATM 158 O  OP1   . 5CM A 1 8  ? -13.265 4.609   -0.511  1.00 18.39 ? 8   5CM A OP1   1 
HETATM 159 O  OP2   . 5CM A 1 8  ? -11.591 3.117   -1.789  1.00 17.62 ? 8   5CM A OP2   1 
ATOM   160 P  P     . DG  A 1 9  ? -14.798 6.991   -6.814  1.00 18.93 ? 9   DG  A P     1 
ATOM   161 O  OP1   . DG  A 1 9  ? -15.619 7.189   -5.589  1.00 18.32 ? 9   DG  A OP1   1 
ATOM   162 O  OP2   . DG  A 1 9  ? -14.850 5.745   -7.623  1.00 18.25 ? 9   DG  A OP2   1 
ATOM   163 O  "O5'" . DG  A 1 9  ? -15.090 8.243   -7.758  1.00 16.59 ? 9   DG  A "O5'" 1 
ATOM   164 C  "C5'" . DG  A 1 9  ? -15.016 9.565   -7.200  1.00 16.35 ? 9   DG  A "C5'" 1 
ATOM   165 C  "C4'" . DG  A 1 9  ? -14.262 10.458  -8.155  1.00 13.30 ? 9   DG  A "C4'" 1 
ATOM   166 O  "O4'" . DG  A 1 9  ? -12.834 10.208  -8.062  1.00 13.77 ? 9   DG  A "O4'" 1 
ATOM   167 C  "C3'" . DG  A 1 9  ? -14.603 10.242  -9.631  1.00 15.37 ? 9   DG  A "C3'" 1 
ATOM   168 O  "O3'" . DG  A 1 9  ? -14.458 11.436  -10.361 1.00 15.42 ? 9   DG  A "O3'" 1 
ATOM   169 C  "C2'" . DG  A 1 9  ? -13.534 9.275   -10.109 1.00 14.94 ? 9   DG  A "C2'" 1 
ATOM   170 C  "C1'" . DG  A 1 9  ? -12.328 9.820   -9.347  1.00 10.58 ? 9   DG  A "C1'" 1 
ATOM   171 N  N9    . DG  A 1 9  ? -11.271 8.845   -9.079  1.00 10.02 ? 9   DG  A N9    1 
ATOM   172 C  C8    . DG  A 1 9  ? -11.272 7.467   -9.176  1.00 10.37 ? 9   DG  A C8    1 
ATOM   173 N  N7    . DG  A 1 9  ? -10.144 6.908   -8.825  1.00 9.32  ? 9   DG  A N7    1 
ATOM   174 C  C5    . DG  A 1 9  ? -9.335  8.001   -8.466  1.00 7.97  ? 9   DG  A C5    1 
ATOM   175 C  C6    . DG  A 1 9  ? -7.999  8.056   -8.015  1.00 5.98  ? 9   DG  A C6    1 
ATOM   176 O  O6    . DG  A 1 9  ? -7.231  7.112   -7.794  1.00 7.75  ? 9   DG  A O6    1 
ATOM   177 N  N1    . DG  A 1 9  ? -7.595  9.365   -7.820  1.00 4.50  ? 9   DG  A N1    1 
ATOM   178 C  C2    . DG  A 1 9  ? -8.378  10.499  -7.983  1.00 6.39  ? 9   DG  A C2    1 
ATOM   179 N  N2    . DG  A 1 9  ? -7.827  11.679  -7.689  1.00 5.85  ? 9   DG  A N2    1 
ATOM   180 N  N3    . DG  A 1 9  ? -9.612  10.462  -8.444  1.00 7.42  ? 9   DG  A N3    1 
ATOM   181 C  C4    . DG  A 1 9  ? -10.012 9.188   -8.653  1.00 8.51  ? 9   DG  A C4    1 
ATOM   182 P  P     . DG  A 1 10 ? -15.733 12.256  -10.870 1.00 17.20 ? 10  DG  A P     1 
ATOM   183 O  OP1   . DG  A 1 10 ? -16.490 12.601  -9.639  1.00 18.22 ? 10  DG  A OP1   1 
ATOM   184 O  OP2   . DG  A 1 10 ? -16.379 11.509  -11.974 1.00 18.05 ? 10  DG  A OP2   1 
ATOM   185 O  "O5'" . DG  A 1 10 ? -15.058 13.566  -11.456 1.00 15.95 ? 10  DG  A "O5'" 1 
ATOM   186 C  "C5'" . DG  A 1 10 ? -14.487 14.491  -10.561 1.00 15.67 ? 10  DG  A "C5'" 1 
ATOM   187 C  "C4'" . DG  A 1 10 ? -13.163 14.960  -11.139 1.00 13.27 ? 10  DG  A "C4'" 1 
ATOM   188 O  "O4'" . DG  A 1 10 ? -12.177 13.883  -11.115 1.00 13.09 ? 10  DG  A "O4'" 1 
ATOM   189 C  "C3'" . DG  A 1 10 ? -13.261 15.413  -12.598 1.00 12.88 ? 10  DG  A "C3'" 1 
ATOM   190 O  "O3'" . DG  A 1 10 ? -12.353 16.480  -12.789 1.00 14.01 ? 10  DG  A "O3'" 1 
ATOM   191 C  "C2'" . DG  A 1 10 ? -12.793 14.157  -13.343 1.00 12.59 ? 10  DG  A "C2'" 1 
ATOM   192 C  "C1'" . DG  A 1 10 ? -11.674 13.667  -12.421 1.00 11.24 ? 10  DG  A "C1'" 1 
ATOM   193 N  N9    . DG  A 1 10 ? -11.405 12.223  -12.466 1.00 10.87 ? 10  DG  A N9    1 
ATOM   194 C  C8    . DG  A 1 10 ? -12.246 11.189  -12.797 1.00 10.26 ? 10  DG  A C8    1 
ATOM   195 N  N7    . DG  A 1 10 ? -11.670 10.014  -12.720 1.00 11.17 ? 10  DG  A N7    1 
ATOM   196 C  C5    . DG  A 1 10 ? -10.387 10.261  -12.276 1.00 10.03 ? 10  DG  A C5    1 
ATOM   197 C  C6    . DG  A 1 10 ? -9.293  9.397   -11.983 1.00 9.99  ? 10  DG  A C6    1 
ATOM   198 O  O6    . DG  A 1 10 ? -9.285  8.148   -12.038 1.00 7.88  ? 10  DG  A O6    1 
ATOM   199 N  N1    . DG  A 1 10 ? -8.130  10.109  -11.556 1.00 7.68  ? 10  DG  A N1    1 
ATOM   200 C  C2    . DG  A 1 10 ? -8.079  11.462  -11.454 1.00 7.30  ? 10  DG  A C2    1 
ATOM   201 N  N2    . DG  A 1 10 ? -6.892  11.963  -11.061 1.00 9.72  ? 10  DG  A N2    1 
ATOM   202 N  N3    . DG  A 1 10 ? -9.099  12.278  -11.727 1.00 8.53  ? 10  DG  A N3    1 
ATOM   203 C  C4    . DG  A 1 10 ? -10.213 11.626  -12.123 1.00 11.77 ? 10  DG  A C4    1 
ATOM   204 O  "O5'" . DC  B 1 1  ? -10.367 0.023   13.709  1.00 14.47 ? 11  DC  B "O5'" 1 
ATOM   205 C  "C5'" . DC  B 1 1  ? -10.998 -0.102  14.999  1.00 12.67 ? 11  DC  B "C5'" 1 
ATOM   206 C  "C4'" . DC  B 1 1  ? -11.030 -1.532  15.488  1.00 12.39 ? 11  DC  B "C4'" 1 
ATOM   207 O  "O4'" . DC  B 1 1  ? -12.016 -2.233  14.688  1.00 10.48 ? 11  DC  B "O4'" 1 
ATOM   208 C  "C3'" . DC  B 1 1  ? -9.707  -2.299  15.324  1.00 13.30 ? 11  DC  B "C3'" 1 
ATOM   209 O  "O3'" . DC  B 1 1  ? -9.495  -3.168  16.420  1.00 15.00 ? 11  DC  B "O3'" 1 
ATOM   210 C  "C2'" . DC  B 1 1  ? -9.916  -3.071  14.029  1.00 10.44 ? 11  DC  B "C2'" 1 
ATOM   211 C  "C1'" . DC  B 1 1  ? -11.394 -3.386  14.167  1.00 8.81  ? 11  DC  B "C1'" 1 
ATOM   212 N  N1    . DC  B 1 1  ? -12.115 -3.774  12.904  1.00 8.93  ? 11  DC  B N1    1 
ATOM   213 C  C2    . DC  B 1 1  ? -12.067 -5.113  12.485  1.00 7.52  ? 11  DC  B C2    1 
ATOM   214 O  O2    . DC  B 1 1  ? -11.391 -5.937  13.101  1.00 7.49  ? 11  DC  B O2    1 
ATOM   215 N  N3    . DC  B 1 1  ? -12.716 -5.495  11.393  1.00 7.28  ? 11  DC  B N3    1 
ATOM   216 C  C4    . DC  B 1 1  ? -13.424 -4.607  10.701  1.00 11.11 ? 11  DC  B C4    1 
ATOM   217 N  N4    . DC  B 1 1  ? -14.072 -5.079  9.632   1.00 8.66  ? 11  DC  B N4    1 
ATOM   218 C  C5    . DC  B 1 1  ? -13.466 -3.235  11.079  1.00 7.54  ? 11  DC  B C5    1 
ATOM   219 C  C6    . DC  B 1 1  ? -12.804 -2.867  12.173  1.00 9.02  ? 11  DC  B C6    1 
ATOM   220 P  P     . DC  B 1 2  ? -8.401  -2.751  17.487  1.00 17.22 ? 12  DC  B P     1 
ATOM   221 O  OP1   . DC  B 1 2  ? -8.701  -3.609  18.673  1.00 18.68 ? 12  DC  B OP1   1 
ATOM   222 O  OP2   . DC  B 1 2  ? -8.435  -1.281  17.649  1.00 17.87 ? 12  DC  B OP2   1 
ATOM   223 O  "O5'" . DC  B 1 2  ? -7.019  -3.129  16.771  1.00 15.07 ? 12  DC  B "O5'" 1 
ATOM   224 C  "C5'" . DC  B 1 2  ? -6.685  -4.535  16.558  1.00 12.65 ? 12  DC  B "C5'" 1 
ATOM   225 C  "C4'" . DC  B 1 2  ? -5.808  -4.632  15.333  1.00 10.73 ? 12  DC  B "C4'" 1 
ATOM   226 O  "O4'" . DC  B 1 2  ? -6.617  -4.491  14.142  1.00 8.79  ? 12  DC  B "O4'" 1 
ATOM   227 C  "C3'" . DC  B 1 2  ? -4.729  -3.547  15.205  1.00 10.07 ? 12  DC  B "C3'" 1 
ATOM   228 O  "O3'" . DC  B 1 2  ? -3.493  -4.157  14.900  1.00 14.58 ? 12  DC  B "O3'" 1 
ATOM   229 C  "C2'" . DC  B 1 2  ? -5.159  -2.725  14.008  1.00 8.06  ? 12  DC  B "C2'" 1 
ATOM   230 C  "C1'" . DC  B 1 2  ? -5.856  -3.786  13.141  1.00 7.97  ? 12  DC  B "C1'" 1 
ATOM   231 N  N1    . DC  B 1 2  ? -6.898  -3.265  12.205  1.00 5.54  ? 12  DC  B N1    1 
ATOM   232 C  C2    . DC  B 1 2  ? -7.501  -4.187  11.344  1.00 6.09  ? 12  DC  B C2    1 
ATOM   233 O  O2    . DC  B 1 2  ? -7.073  -5.365  11.327  1.00 4.97  ? 12  DC  B O2    1 
ATOM   234 N  N3    . DC  B 1 2  ? -8.471  -3.767  10.504  1.00 4.70  ? 12  DC  B N3    1 
ATOM   235 C  C4    . DC  B 1 2  ? -8.908  -2.499  10.569  1.00 5.06  ? 12  DC  B C4    1 
ATOM   236 N  N4    . DC  B 1 2  ? -9.910  -2.121  9.779   1.00 6.34  ? 12  DC  B N4    1 
ATOM   237 C  C5    . DC  B 1 2  ? -8.290  -1.523  11.421  1.00 4.10  ? 12  DC  B C5    1 
ATOM   238 C  C6    . DC  B 1 2  ? -7.315  -1.957  12.229  1.00 6.76  ? 12  DC  B C6    1 
ATOM   239 P  P     . DG  B 1 3  ? -2.456  -4.543  16.058  1.00 15.93 ? 13  DG  B P     1 
ATOM   240 O  OP1   . DG  B 1 3  ? -3.179  -5.190  17.163  1.00 17.39 ? 13  DG  B OP1   1 
ATOM   241 O  OP2   . DG  B 1 3  ? -1.569  -3.395  16.339  1.00 17.06 ? 13  DG  B OP2   1 
ATOM   242 O  "O5'" . DG  B 1 3  ? -1.536  -5.633  15.329  1.00 17.65 ? 13  DG  B "O5'" 1 
ATOM   243 C  "C5'" . DG  B 1 3  ? -2.047  -6.902  14.951  1.00 14.69 ? 13  DG  B "C5'" 1 
ATOM   244 C  "C4'" . DG  B 1 3  ? -1.637  -7.244  13.529  1.00 14.22 ? 13  DG  B "C4'" 1 
ATOM   245 O  "O4'" . DG  B 1 3  ? -2.508  -6.568  12.565  1.00 11.20 ? 13  DG  B "O4'" 1 
ATOM   246 C  "C3'" . DG  B 1 3  ? -0.201  -6.926  13.110  1.00 12.60 ? 13  DG  B "C3'" 1 
ATOM   247 O  "O3'" . DG  B 1 3  ? 0.253   -7.851  12.111  1.00 13.51 ? 13  DG  B "O3'" 1 
ATOM   248 C  "C2'" . DG  B 1 3  ? -0.389  -5.617  12.384  1.00 11.92 ? 13  DG  B "C2'" 1 
ATOM   249 C  "C1'" . DG  B 1 3  ? -1.677  -5.955  11.602  1.00 11.12 ? 13  DG  B "C1'" 1 
ATOM   250 N  N9    . DG  B 1 3  ? -2.420  -4.773  11.217  1.00 9.32  ? 13  DG  B N9    1 
ATOM   251 C  C8    . DG  B 1 3  ? -2.306  -3.482  11.723  1.00 9.63  ? 13  DG  B C8    1 
ATOM   252 N  N7    . DG  B 1 3  ? -3.143  -2.643  11.173  1.00 8.90  ? 13  DG  B N7    1 
ATOM   253 C  C5    . DG  B 1 3  ? -3.849  -3.460  10.282  1.00 6.95  ? 13  DG  B C5    1 
ATOM   254 C  C6    . DG  B 1 3  ? -4.901  -3.112  9.420   1.00 4.98  ? 13  DG  B C6    1 
ATOM   255 O  O6    . DG  B 1 3  ? -5.421  -2.006  9.302   1.00 5.27  ? 13  DG  B O6    1 
ATOM   256 N  N1    . DG  B 1 3  ? -5.352  -4.187  8.680   1.00 5.34  ? 13  DG  B N1    1 
ATOM   257 C  C2    . DG  B 1 3  ? -4.845  -5.471  8.763   1.00 5.13  ? 13  DG  B C2    1 
ATOM   258 N  N2    . DG  B 1 3  ? -5.417  -6.390  7.981   1.00 4.47  ? 13  DG  B N2    1 
ATOM   259 N  N3    . DG  B 1 3  ? -3.868  -5.818  9.575   1.00 7.39  ? 13  DG  B N3    1 
ATOM   260 C  C4    . DG  B 1 3  ? -3.417  -4.754  10.285  1.00 7.03  ? 13  DG  B C4    1 
ATOM   261 P  P     . DG  B 1 4  ? 1.402   -8.934  12.447  1.00 15.11 ? 14  DG  B P     1 
ATOM   262 O  OP1   . DG  B 1 4  ? 0.920   -9.674  13.614  1.00 13.83 ? 14  DG  B OP1   1 
ATOM   263 O  OP2   . DG  B 1 4  ? 2.747   -8.292  12.417  1.00 15.34 ? 14  DG  B OP2   1 
ATOM   264 O  "O5'" . DG  B 1 4  ? 1.303   -9.912  11.196  1.00 12.88 ? 14  DG  B "O5'" 1 
ATOM   265 C  "C5'" . DG  B 1 4  ? 0.147   -10.706 11.001  1.00 12.56 ? 14  DG  B "C5'" 1 
ATOM   266 C  "C4'" . DG  B 1 4  ? -0.128  -10.852 9.513   1.00 13.51 ? 14  DG  B "C4'" 1 
ATOM   267 O  "O4'" . DG  B 1 4  ? -0.696  -9.620  8.966   1.00 13.32 ? 14  DG  B "O4'" 1 
ATOM   268 C  "C3'" . DG  B 1 4  ? 1.051   -11.152 8.611   1.00 14.49 ? 14  DG  B "C3'" 1 
ATOM   269 O  "O3'" . DG  B 1 4  ? 0.586   -12.083 7.664   1.00 14.83 ? 14  DG  B "O3'" 1 
ATOM   270 C  "C2'" . DG  B 1 4  ? 1.431   -9.784  8.006   1.00 12.87 ? 14  DG  B "C2'" 1 
ATOM   271 C  "C1'" . DG  B 1 4  ? 0.086   -9.109  7.876   1.00 13.09 ? 14  DG  B "C1'" 1 
ATOM   272 N  N9    . DG  B 1 4  ? 0.111   -7.699  8.154   1.00 11.71 ? 14  DG  B N9    1 
ATOM   273 C  C8    . DG  B 1 4  ? 0.859   -7.038  9.098   1.00 12.38 ? 14  DG  B C8    1 
ATOM   274 N  N7    . DG  B 1 4  ? 0.597   -5.762  9.132   1.00 12.88 ? 14  DG  B N7    1 
ATOM   275 C  C5    . DG  B 1 4  ? -0.442  -5.577  8.221   1.00 9.91  ? 14  DG  B C5    1 
ATOM   276 C  C6    . DG  B 1 4  ? -1.139  -4.399  7.868   1.00 10.74 ? 14  DG  B C6    1 
ATOM   277 O  O6    . DG  B 1 4  ? -0.963  -3.250  8.344   1.00 10.43 ? 14  DG  B O6    1 
ATOM   278 N  N1    . DG  B 1 4  ? -2.086  -4.658  6.876   1.00 7.72  ? 14  DG  B N1    1 
ATOM   279 C  C2    . DG  B 1 4  ? -2.301  -5.877  6.319   1.00 7.85  ? 14  DG  B C2    1 
ATOM   280 N  N2    . DG  B 1 4  ? -3.221  -5.955  5.358   1.00 6.15  ? 14  DG  B N2    1 
ATOM   281 N  N3    . DG  B 1 4  ? -1.653  -7.006  6.680   1.00 8.14  ? 14  DG  B N3    1 
ATOM   282 C  C4    . DG  B 1 4  ? -0.742  -6.761  7.616   1.00 10.01 ? 14  DG  B C4    1 
ATOM   283 P  P     . DT  B 1 5  ? 1.525   -12.627 6.472   1.00 18.11 ? 15  DT  B P     1 
ATOM   284 O  OP1   . DT  B 1 5  ? 1.043   -13.978 6.171   1.00 19.92 ? 15  DT  B OP1   1 
ATOM   285 O  OP2   . DT  B 1 5  ? 2.927   -12.408 6.852   1.00 17.44 ? 15  DT  B OP2   1 
ATOM   286 O  "O5'" . DT  B 1 5  ? 1.255   -11.683 5.216   1.00 18.46 ? 15  DT  B "O5'" 1 
ATOM   287 C  "C5'" . DT  B 1 5  ? -0.050  -11.506 4.755   1.00 16.82 ? 15  DT  B "C5'" 1 
ATOM   288 C  "C4'" . DT  B 1 5  ? -0.039  -10.400 3.720   1.00 16.54 ? 15  DT  B "C4'" 1 
ATOM   289 O  "O4'" . DT  B 1 5  ? 0.001   -9.093  4.367   1.00 16.38 ? 15  DT  B "O4'" 1 
ATOM   290 C  "C3'" . DT  B 1 5  ? 1.184   -10.426 2.788   1.00 18.65 ? 15  DT  B "C3'" 1 
ATOM   291 O  "O3'" . DT  B 1 5  ? 0.830   -10.089 1.489   1.00 21.23 ? 15  DT  B "O3'" 1 
ATOM   292 C  "C2'" . DT  B 1 5  ? 2.046   -9.286  3.310   1.00 18.05 ? 15  DT  B "C2'" 1 
ATOM   293 C  "C1'" . DT  B 1 5  ? 0.918   -8.315  3.623   1.00 14.32 ? 15  DT  B "C1'" 1 
ATOM   294 N  N1    . DT  B 1 5  ? 1.299   -7.186  4.433   1.00 13.20 ? 15  DT  B N1    1 
ATOM   295 C  C2    . DT  B 1 5  ? 0.616   -5.990  4.223   1.00 13.90 ? 15  DT  B C2    1 
ATOM   296 O  O2    . DT  B 1 5  ? -0.255  -5.845  3.372   1.00 11.21 ? 15  DT  B O2    1 
ATOM   297 N  N3    . DT  B 1 5  ? 1.033   -4.976  5.037   1.00 13.10 ? 15  DT  B N3    1 
ATOM   298 C  C4    . DT  B 1 5  ? 2.012   -5.045  6.001   1.00 13.14 ? 15  DT  B C4    1 
ATOM   299 O  O4    . DT  B 1 5  ? 2.303   -4.075  6.676   1.00 14.38 ? 15  DT  B O4    1 
ATOM   300 C  C5    . DT  B 1 5  ? 2.667   -6.328  6.184   1.00 15.05 ? 15  DT  B C5    1 
ATOM   301 C  C7    . DT  B 1 5  ? 3.855   -6.442  7.086   1.00 16.80 ? 15  DT  B C7    1 
ATOM   302 C  C6    . DT  B 1 5  ? 2.283   -7.325  5.392   1.00 15.22 ? 15  DT  B C6    1 
ATOM   303 P  P     . DA  B 1 6  ? 0.925   -11.134 0.287   1.00 23.44 ? 16  DA  B P     1 
ATOM   304 O  OP1   . DA  B 1 6  ? 0.189   -12.365 0.638   1.00 21.41 ? 16  DA  B OP1   1 
ATOM   305 O  OP2   . DA  B 1 6  ? 2.342   -11.230 -0.168  1.00 21.39 ? 16  DA  B OP2   1 
ATOM   306 O  "O5'" . DA  B 1 6  ? 0.103   -10.422 -0.893  1.00 21.34 ? 16  DA  B "O5'" 1 
ATOM   307 C  "C5'" . DA  B 1 6  ? -1.219  -9.973  -0.701  1.00 19.01 ? 16  DA  B "C5'" 1 
ATOM   308 C  "C4'" . DA  B 1 6  ? -1.427  -8.709  -1.523  1.00 19.43 ? 16  DA  B "C4'" 1 
ATOM   309 O  "O4'" . DA  B 1 6  ? -0.820  -7.569  -0.870  1.00 19.69 ? 16  DA  B "O4'" 1 
ATOM   310 C  "C3'" . DA  B 1 6  ? -0.803  -8.748  -2.909  1.00 19.60 ? 16  DA  B "C3'" 1 
ATOM   311 O  "O3'" . DA  B 1 6  ? -1.744  -8.091  -3.750  1.00 21.07 ? 16  DA  B "O3'" 1 
ATOM   312 C  "C2'" . DA  B 1 6  ? 0.547   -8.028  -2.710  1.00 17.95 ? 16  DA  B "C2'" 1 
ATOM   313 C  "C1'" . DA  B 1 6  ? 0.216   -6.969  -1.660  1.00 16.68 ? 16  DA  B "C1'" 1 
ATOM   314 N  N9    . DA  B 1 6  ? 1.195   -6.634  -0.637  1.00 14.45 ? 16  DA  B N9    1 
ATOM   315 C  C8    . DA  B 1 6  ? 2.146   -7.444  -0.095  1.00 13.97 ? 16  DA  B C8    1 
ATOM   316 N  N7    . DA  B 1 6  ? 2.844   -6.868  0.857   1.00 12.91 ? 16  DA  B N7    1 
ATOM   317 C  C5    . DA  B 1 6  ? 2.309   -5.588  0.962   1.00 13.64 ? 16  DA  B C5    1 
ATOM   318 C  C6    . DA  B 1 6  ? 2.596   -4.470  1.775   1.00 9.08  ? 16  DA  B C6    1 
ATOM   319 N  N6    . DA  B 1 6  ? 3.529   -4.454  2.737   1.00 15.01 ? 16  DA  B N6    1 
ATOM   320 N  N1    . DA  B 1 6  ? 1.888   -3.356  1.585   1.00 12.68 ? 16  DA  B N1    1 
ATOM   321 C  C2    . DA  B 1 6  ? 0.955   -3.349  0.657   1.00 12.87 ? 16  DA  B C2    1 
ATOM   322 N  N3    . DA  B 1 6  ? 0.584   -4.330  -0.152  1.00 12.96 ? 16  DA  B N3    1 
ATOM   323 C  C4    . DA  B 1 6  ? 1.317   -5.421  0.031   1.00 13.09 ? 16  DA  B C4    1 
ATOM   324 P  P     . DC  B 1 7  ? -1.516  -7.833  -5.317  1.00 21.32 ? 17  DC  B P     1 
ATOM   325 O  OP1   . DC  B 1 7  ? -2.839  -7.714  -5.948  1.00 23.13 ? 17  DC  B OP1   1 
ATOM   326 O  OP2   . DC  B 1 7  ? -0.445  -8.707  -5.866  1.00 21.96 ? 17  DC  B OP2   1 
ATOM   327 O  "O5'" . DC  B 1 7  ? -0.970  -6.341  -5.356  1.00 22.03 ? 17  DC  B "O5'" 1 
ATOM   328 C  "C5'" . DC  B 1 7  ? -1.807  -5.361  -4.763  1.00 19.98 ? 17  DC  B "C5'" 1 
ATOM   329 C  "C4'" . DC  B 1 7  ? -1.136  -4.014  -4.799  1.00 19.45 ? 17  DC  B "C4'" 1 
ATOM   330 O  "O4'" . DC  B 1 7  ? 0.013   -3.963  -3.901  1.00 19.10 ? 17  DC  B "O4'" 1 
ATOM   331 C  "C3'" . DC  B 1 7  ? -0.572  -3.694  -6.169  1.00 20.20 ? 17  DC  B "C3'" 1 
ATOM   332 O  "O3'" . DC  B 1 7  ? -1.114  -2.428  -6.493  1.00 21.37 ? 17  DC  B "O3'" 1 
ATOM   333 C  "C2'" . DC  B 1 7  ? 0.950   -3.737  -5.996  1.00 18.59 ? 17  DC  B "C2'" 1 
ATOM   334 C  "C1'" . DC  B 1 7  ? 1.138   -3.387  -4.523  1.00 17.56 ? 17  DC  B "C1'" 1 
ATOM   335 N  N1    . DC  B 1 7  ? 2.243   -3.990  -3.714  1.00 15.94 ? 17  DC  B N1    1 
ATOM   336 C  C2    . DC  B 1 7  ? 2.816   -3.206  -2.674  1.00 13.86 ? 17  DC  B C2    1 
ATOM   337 O  O2    . DC  B 1 7  ? 2.453   -2.053  -2.474  1.00 17.04 ? 17  DC  B O2    1 
ATOM   338 N  N3    . DC  B 1 7  ? 3.756   -3.749  -1.917  1.00 12.80 ? 17  DC  B N3    1 
ATOM   339 C  C4    . DC  B 1 7  ? 4.168   -4.981  -2.156  1.00 14.59 ? 17  DC  B C4    1 
ATOM   340 N  N4    . DC  B 1 7  ? 5.116   -5.428  -1.345  1.00 15.39 ? 17  DC  B N4    1 
ATOM   341 C  C5    . DC  B 1 7  ? 3.619   -5.826  -3.196  1.00 15.66 ? 17  DC  B C5    1 
ATOM   342 C  C6    . DC  B 1 7  ? 2.654   -5.275  -3.929  1.00 14.64 ? 17  DC  B C6    1 
HETATM 343 N  N1    . 5CM B 1 8  ? 4.297   -1.421  -6.728  1.00 10.58 ? 18  5CM B N1    1 
HETATM 344 C  C2    . 5CM B 1 8  ? 5.123   -1.389  -5.596  1.00 10.15 ? 18  5CM B C2    1 
HETATM 345 N  N3    . 5CM B 1 8  ? 5.713   -2.519  -5.186  1.00 10.16 ? 18  5CM B N3    1 
HETATM 346 C  C4    . 5CM B 1 8  ? 5.533   -3.654  -5.854  1.00 9.47  ? 18  5CM B C4    1 
HETATM 347 C  C5    . 5CM B 1 8  ? 4.728   -3.711  -7.030  1.00 11.26 ? 18  5CM B C5    1 
HETATM 348 C  C5A   . 5CM B 1 8  ? 4.499   -4.992  -7.789  1.00 12.08 ? 18  5CM B C5A   1 
HETATM 349 C  C6    . 5CM B 1 8  ? 4.120   -2.579  -7.448  1.00 8.29  ? 18  5CM B C6    1 
HETATM 350 O  O2    . 5CM B 1 8  ? 5.280   -0.322  -4.994  1.00 11.13 ? 18  5CM B O2    1 
HETATM 351 N  N4    . 5CM B 1 8  ? 6.175   -4.763  -5.394  1.00 10.64 ? 18  5CM B N4    1 
HETATM 352 C  "C1'" . 5CM B 1 8  ? 3.652   -0.133  -7.097  1.00 12.26 ? 18  5CM B "C1'" 1 
HETATM 353 C  "C2'" . 5CM B 1 8  ? 3.001   -0.088  -8.471  1.00 14.99 ? 18  5CM B "C2'" 1 
HETATM 354 C  "C3'" . 5CM B 1 8  ? 2.051   1.097   -8.258  1.00 16.86 ? 18  5CM B "C3'" 1 
HETATM 355 C  "C4'" . 5CM B 1 8  ? 1.542   0.864   -6.856  1.00 15.50 ? 18  5CM B "C4'" 1 
HETATM 356 O  "O4'" . 5CM B 1 8  ? 2.583   0.078   -6.201  1.00 14.91 ? 18  5CM B "O4'" 1 
HETATM 357 O  "O3'" . 5CM B 1 8  ? 2.728   2.368   -8.257  1.00 17.53 ? 18  5CM B "O3'" 1 
HETATM 358 C  "C5'" . 5CM B 1 8  ? 0.211   0.135   -6.816  1.00 18.88 ? 18  5CM B "C5'" 1 
HETATM 359 O  "O5'" . 5CM B 1 8  ? 0.230   -0.908  -7.771  1.00 19.77 ? 18  5CM B "O5'" 1 
HETATM 360 P  P     . 5CM B 1 8  ? -1.054  -1.835  -7.948  1.00 23.11 ? 18  5CM B P     1 
HETATM 361 O  OP1   . 5CM B 1 8  ? -2.267  -0.993  -8.086  1.00 23.22 ? 18  5CM B OP1   1 
HETATM 362 O  OP2   . 5CM B 1 8  ? -0.790  -2.942  -8.897  1.00 22.12 ? 18  5CM B OP2   1 
ATOM   363 P  P     . DG  B 1 9  ? 1.916   3.672   -8.727  1.00 18.32 ? 19  DG  B P     1 
ATOM   364 O  OP1   . DG  B 1 9  ? 0.594   3.705   -8.039  1.00 18.60 ? 19  DG  B OP1   1 
ATOM   365 O  OP2   . DG  B 1 9  ? 1.984   3.628   -10.186 1.00 18.94 ? 19  DG  B OP2   1 
ATOM   366 O  "O5'" . DG  B 1 9  ? 2.834   4.872   -8.175  1.00 17.15 ? 19  DG  B "O5'" 1 
ATOM   367 C  "C5'" . DG  B 1 9  ? 3.036   5.056   -6.738  1.00 14.81 ? 19  DG  B "C5'" 1 
ATOM   368 C  "C4'" . DG  B 1 9  ? 4.485   5.491   -6.466  1.00 15.96 ? 19  DG  B "C4'" 1 
ATOM   369 O  "O4'" . DG  B 1 9  ? 5.390   4.356   -6.419  1.00 15.50 ? 19  DG  B "O4'" 1 
ATOM   370 C  "C3'" . DG  B 1 9  ? 5.105   6.407   -7.500  1.00 15.75 ? 19  DG  B "C3'" 1 
ATOM   371 O  "O3'" . DG  B 1 9  ? 6.173   7.165   -6.902  1.00 13.56 ? 19  DG  B "O3'" 1 
ATOM   372 C  "C2'" . DG  B 1 9  ? 5.703   5.416   -8.492  1.00 15.08 ? 19  DG  B "C2'" 1 
ATOM   373 C  "C1'" . DG  B 1 9  ? 6.318   4.405   -7.522  1.00 12.97 ? 19  DG  B "C1'" 1 
ATOM   374 N  N9    . DG  B 1 9  ? 6.424   3.028   -8.023  1.00 10.47 ? 19  DG  B N9    1 
ATOM   375 C  C8    . DG  B 1 9  ? 5.897   2.451   -9.152  1.00 8.48  ? 19  DG  B C8    1 
ATOM   376 N  N7    . DG  B 1 9  ? 6.202   1.177   -9.285  1.00 9.49  ? 19  DG  B N7    1 
ATOM   377 C  C5    . DG  B 1 9  ? 6.931   0.897   -8.176  1.00 8.75  ? 19  DG  B C5    1 
ATOM   378 C  C6    . DG  B 1 9  ? 7.528   -0.329  -7.776  1.00 5.19  ? 19  DG  B C6    1 
ATOM   379 O  O6    . DG  B 1 9  ? 7.430   -1.415  -8.361  1.00 6.20  ? 19  DG  B O6    1 
ATOM   380 N  N1    . DG  B 1 9  ? 8.241   -0.181  -6.591  1.00 6.35  ? 19  DG  B N1    1 
ATOM   381 C  C2    . DG  B 1 9  ? 8.387   1.029   -5.914  1.00 5.19  ? 19  DG  B C2    1 
ATOM   382 N  N2    . DG  B 1 9  ? 9.094   1.021   -4.771  1.00 6.99  ? 19  DG  B N2    1 
ATOM   383 N  N3    . DG  B 1 9  ? 7.797   2.179   -6.283  1.00 7.33  ? 19  DG  B N3    1 
ATOM   384 C  C4    . DG  B 1 9  ? 7.117   2.019   -7.415  1.00 7.87  ? 19  DG  B C4    1 
ATOM   385 P  P     . DG  B 1 10 ? 6.120   8.762   -6.948  1.00 16.39 ? 20  DG  B P     1 
ATOM   386 O  OP1   . DG  B 1 10 ? 5.081   9.155   -5.993  1.00 16.80 ? 20  DG  B OP1   1 
ATOM   387 O  OP2   . DG  B 1 10 ? 6.078   9.020   -8.411  1.00 16.48 ? 20  DG  B OP2   1 
ATOM   388 O  "O5'" . DG  B 1 10 ? 7.550   9.092   -6.360  1.00 17.21 ? 20  DG  B "O5'" 1 
ATOM   389 C  "C5'" . DG  B 1 10 ? 7.834   8.797   -5.021  1.00 16.98 ? 20  DG  B "C5'" 1 
ATOM   390 C  "C4'" . DG  B 1 10 ? 9.320   8.485   -4.944  1.00 15.45 ? 20  DG  B "C4'" 1 
ATOM   391 O  "O4'" . DG  B 1 10 ? 9.574   7.212   -5.590  1.00 16.64 ? 20  DG  B "O4'" 1 
ATOM   392 C  "C3'" . DG  B 1 10 ? 10.205  9.501   -5.647  1.00 15.07 ? 20  DG  B "C3'" 1 
ATOM   393 O  "O3'" . DG  B 1 10 ? 11.412  9.504   -4.944  1.00 17.04 ? 20  DG  B "O3'" 1 
ATOM   394 C  "C2'" . DG  B 1 10 ? 10.373  8.918   -7.047  1.00 14.09 ? 20  DG  B "C2'" 1 
ATOM   395 C  "C1'" . DG  B 1 10 ? 10.410  7.419   -6.715  1.00 13.72 ? 20  DG  B "C1'" 1 
ATOM   396 N  N9    . DG  B 1 10 ? 9.920   6.532   -7.773  1.00 11.54 ? 20  DG  B N9    1 
ATOM   397 C  C8    . DG  B 1 10 ? 9.123   6.827   -8.829  1.00 9.76  ? 20  DG  B C8    1 
ATOM   398 N  N7    . DG  B 1 10 ? 8.864   5.819   -9.618  1.00 9.89  ? 20  DG  B N7    1 
ATOM   399 C  C5    . DG  B 1 10 ? 9.548   4.753   -9.024  1.00 9.13  ? 20  DG  B C5    1 
ATOM   400 C  C6    . DG  B 1 10 ? 9.640   3.381   -9.402  1.00 12.04 ? 20  DG  B C6    1 
ATOM   401 O  O6    . DG  B 1 10 ? 9.101   2.784   -10.377 1.00 10.27 ? 20  DG  B O6    1 
ATOM   402 N  N1    . DG  B 1 10 ? 10.475  2.674   -8.517  1.00 7.95  ? 20  DG  B N1    1 
ATOM   403 C  C2    . DG  B 1 10 ? 11.053  3.184   -7.392  1.00 9.22  ? 20  DG  B C2    1 
ATOM   404 N  N2    . DG  B 1 10 ? 11.772  2.319   -6.671  1.00 9.08  ? 20  DG  B N2    1 
ATOM   405 N  N3    . DG  B 1 10 ? 10.959  4.474   -7.013  1.00 8.93  ? 20  DG  B N3    1 
ATOM   406 C  C4    . DG  B 1 10 ? 10.197  5.184   -7.884  1.00 9.43  ? 20  DG  B C4    1 
HETATM 407 CA CA    . CA  C 2 .  ? -4.915  -9.661  11.369  1.00 34.25 ? 21  CA  B CA    1 
HETATM 408 O  O     . HOH D 3 .  ? -3.363  5.415   -2.822  1.00 26.65 ? 22  HOH A O     1 
HETATM 409 O  O     . HOH D 3 .  ? -1.224  6.843   -1.610  1.00 40.86 ? 23  HOH A O     1 
HETATM 410 O  O     . HOH D 3 .  ? -2.848  2.019   -3.523  1.00 50.22 ? 24  HOH A O     1 
HETATM 411 O  O     . HOH D 3 .  ? -8.441  14.771  -11.079 1.00 30.59 ? 28  HOH A O     1 
HETATM 412 O  O     . HOH D 3 .  ? -10.033 16.921  -11.402 1.00 37.53 ? 29  HOH A O     1 
HETATM 413 O  O     . HOH D 3 .  ? -11.035 13.025  -8.577  1.00 27.47 ? 30  HOH A O     1 
HETATM 414 O  O     . HOH D 3 .  ? -12.281 13.457  -6.475  1.00 41.55 ? 31  HOH A O     1 
HETATM 415 O  O     . HOH D 3 .  ? -11.587 10.867  -5.617  1.00 29.56 ? 32  HOH A O     1 
HETATM 416 O  O     . HOH D 3 .  ? -10.664 4.307   -9.222  1.00 46.59 ? 33  HOH A O     1 
HETATM 417 O  O     . HOH D 3 .  ? -7.223  4.533   -8.066  1.00 42.77 ? 34  HOH A O     1 
HETATM 418 O  O     . HOH D 3 .  ? -9.680  2.906   -4.243  1.00 43.09 ? 35  HOH A O     1 
HETATM 419 O  O     . HOH D 3 .  ? -11.538 9.449   0.055   1.00 37.12 ? 36  HOH A O     1 
HETATM 420 O  O     . HOH D 3 .  ? 17.774  -6.335  -7.450  1.00 36.15 ? 39  HOH A O     1 
HETATM 421 O  O     . HOH D 3 .  ? 14.626  0.396   -6.250  1.00 25.83 ? 40  HOH A O     1 
HETATM 422 O  O     . HOH D 3 .  ? 13.320  0.276   -3.867  1.00 33.94 ? 54  HOH A O     1 
HETATM 423 O  O     . HOH D 3 .  ? 8.394   -7.109  -2.718  1.00 42.86 ? 61  HOH A O     1 
HETATM 424 O  O     . HOH D 3 .  ? 10.814  -6.235  -9.898  1.00 33.82 ? 64  HOH A O     1 
HETATM 425 O  O     . HOH D 3 .  ? 8.364   -6.201  -8.921  1.00 29.06 ? 65  HOH A O     1 
HETATM 426 O  O     . HOH D 3 .  ? -12.895 7.539   -13.320 1.00 49.62 ? 67  HOH A O     1 
HETATM 427 O  O     . HOH D 3 .  ? -10.825 5.871   -12.959 1.00 39.49 ? 68  HOH A O     1 
HETATM 428 O  O     . HOH D 3 .  ? 12.633  1.729   -2.002  1.00 36.66 ? 70  HOH A O     1 
HETATM 429 O  O     . HOH D 3 .  ? 10.479  -3.389  6.483   1.00 48.47 ? 75  HOH A O     1 
HETATM 430 O  O     . HOH D 3 .  ? -1.715  9.602   0.902   1.00 36.83 ? 78  HOH A O     1 
HETATM 431 O  O     . HOH D 3 .  ? 11.185  -0.037  -1.618  1.00 34.40 ? 85  HOH A O     1 
HETATM 432 O  O     . HOH D 3 .  ? 5.165   9.260   6.815   1.00 49.52 ? 86  HOH A O     1 
HETATM 433 O  O     . HOH D 3 .  ? -5.776  1.031   -4.932  1.00 48.13 ? 87  HOH A O     1 
HETATM 434 O  O     . HOH D 3 .  ? -18.128 13.347  -13.679 1.00 51.28 ? 88  HOH A O     1 
HETATM 435 O  O     . HOH D 3 .  ? 14.908  -1.889  5.836   1.00 57.54 ? 90  HOH A O     1 
HETATM 436 O  O     . HOH D 3 .  ? 7.524   -5.553  2.958   1.00 57.96 ? 91  HOH A O     1 
HETATM 437 O  O     . HOH D 3 .  ? 4.113   -0.223  9.832   1.00 41.29 ? 93  HOH A O     1 
HETATM 438 O  O     . HOH D 3 .  ? 6.087   1.607   8.074   1.00 51.18 ? 94  HOH A O     1 
HETATM 439 O  O     . HOH D 3 .  ? -2.978  -1.765  0.697   1.00 55.65 ? 96  HOH A O     1 
HETATM 440 O  O     . HOH D 3 .  ? -13.900 11.008  -3.621  1.00 44.61 ? 99  HOH A O     1 
HETATM 441 O  O     . HOH D 3 .  ? -12.329 15.663  -7.550  1.00 47.16 ? 100 HOH A O     1 
HETATM 442 O  O     . HOH D 3 .  ? 11.180  6.018   2.055   1.00 50.59 ? 101 HOH A O     1 
HETATM 443 O  O     . HOH D 3 .  ? 16.582  -1.127  0.543   1.00 47.50 ? 102 HOH A O     1 
HETATM 444 O  O     . HOH D 3 .  ? 10.590  -6.063  4.119   1.00 59.56 ? 103 HOH A O     1 
HETATM 445 O  O     . HOH D 3 .  ? -10.143 0.876   -0.447  0.50 47.66 ? 108 HOH A O     1 
HETATM 446 O  O     . HOH D 3 .  ? -14.317 13.469  -5.193  1.00 47.98 ? 109 HOH A O     1 
HETATM 447 O  O     . HOH D 3 .  ? 6.578   -4.923  5.839   1.00 47.03 ? 110 HOH A O     1 
HETATM 448 O  O     . HOH D 3 .  ? -18.514 15.593  -10.437 1.00 54.46 ? 113 HOH A O     1 
HETATM 449 O  O     . HOH D 3 .  ? -15.757 9.361   -3.359  1.00 45.73 ? 114 HOH A O     1 
HETATM 450 O  O     . HOH D 3 .  ? 8.260   -7.806  6.739   1.00 54.63 ? 115 HOH A O     1 
HETATM 451 O  O     . HOH E 3 .  ? -4.960  0.440   10.668  1.00 32.35 ? 25  HOH B O     1 
HETATM 452 O  O     . HOH E 3 .  ? -7.043  0.646   16.420  1.00 33.53 ? 26  HOH B O     1 
HETATM 453 O  O     . HOH E 3 .  ? -8.149  1.128   13.517  1.00 39.36 ? 27  HOH B O     1 
HETATM 454 O  O     . HOH E 3 .  ? 4.979   -10.376 8.438   1.00 33.11 ? 37  HOH B O     1 
HETATM 455 O  O     . HOH E 3 .  ? -2.899  -9.423  5.845   1.00 28.21 ? 38  HOH B O     1 
HETATM 456 O  O     . HOH E 3 .  ? -9.975  -6.827  15.309  1.00 28.65 ? 41  HOH B O     1 
HETATM 457 O  O     . HOH E 3 .  ? -7.468  -7.276  13.974  1.00 31.04 ? 42  HOH B O     1 
HETATM 458 O  O     . HOH E 3 .  ? -5.195  -7.286  12.145  1.00 26.10 ? 43  HOH B O     1 
HETATM 459 O  O     . HOH E 3 .  ? -3.380  -8.554  9.850   1.00 27.68 ? 44  HOH B O     1 
HETATM 460 O  O     . HOH E 3 .  ? -5.881  -10.121 9.080   1.00 33.16 ? 45  HOH B O     1 
HETATM 461 O  O     . HOH E 3 .  ? -3.395  -11.229 10.783  1.00 32.67 ? 46  HOH B O     1 
HETATM 462 O  O     . HOH E 3 .  ? -2.290  -12.939 12.616  1.00 34.21 ? 47  HOH B O     1 
HETATM 463 O  O     . HOH E 3 .  ? -5.407  -9.105  6.902   1.00 30.99 ? 48  HOH B O     1 
HETATM 464 O  O     . HOH E 3 .  ? -1.631  -3.756  -1.346  1.00 53.22 ? 49  HOH B O     1 
HETATM 465 O  O     . HOH E 3 .  ? -3.515  -2.233  -1.184  1.00 34.82 ? 50  HOH B O     1 
HETATM 466 O  O     . HOH E 3 .  ? 6.397   6.072   -3.110  1.00 47.85 ? 51  HOH B O     1 
HETATM 467 O  O     . HOH E 3 .  ? 8.338   4.550   -4.691  1.00 40.16 ? 52  HOH B O     1 
HETATM 468 O  O     . HOH E 3 .  ? 10.679  2.689   -1.022  1.00 32.37 ? 53  HOH B O     1 
HETATM 469 O  O     . HOH E 3 .  ? -7.193  -4.694  20.585  1.00 43.94 ? 55  HOH B O     1 
HETATM 470 O  O     . HOH E 3 .  ? -11.159 0.448   9.426   1.00 38.37 ? 56  HOH B O     1 
HETATM 471 O  O     . HOH E 3 .  ? 0.434   -2.933  14.109  1.00 57.06 ? 57  HOH B O     1 
HETATM 472 O  O     . HOH E 3 .  ? 0.407   -1.638  10.388  1.00 44.60 ? 58  HOH B O     1 
HETATM 473 O  O     . HOH E 3 .  ? 2.563   -4.260  10.674  1.00 37.49 ? 59  HOH B O     1 
HETATM 474 O  O     . HOH E 3 .  ? 6.387   -7.573  -5.766  1.00 35.74 ? 60  HOH B O     1 
HETATM 475 O  O     . HOH E 3 .  ? 11.955  11.454  -2.850  1.00 58.21 ? 62  HOH B O     1 
HETATM 476 O  O     . HOH E 3 .  ? 6.151   -2.812  -10.637 1.00 37.01 ? 63  HOH B O     1 
HETATM 477 O  O     . HOH E 3 .  ? 6.305   -5.292  -10.653 1.00 43.46 ? 66  HOH B O     1 
HETATM 478 O  O     . HOH E 3 .  ? 7.477   3.409   -12.370 1.00 45.86 ? 69  HOH B O     1 
HETATM 479 O  O     . HOH E 3 .  ? 4.980   2.547   -4.503  1.00 43.30 ? 71  HOH B O     1 
HETATM 480 O  O     . HOH E 3 .  ? 0.357   3.995   -5.291  1.00 42.65 ? 72  HOH B O     1 
HETATM 481 O  O     . HOH E 3 .  ? -1.665  4.432   -9.056  1.00 44.30 ? 73  HOH B O     1 
HETATM 482 O  O     . HOH E 3 .  ? 2.248   1.825   -12.097 1.00 48.65 ? 74  HOH B O     1 
HETATM 483 O  O     . HOH E 3 .  ? 1.198   -13.271 -3.418  0.50 58.48 ? 76  HOH B O     1 
HETATM 484 O  O     . HOH E 3 .  ? -3.331  -8.418  3.344   1.00 39.89 ? 77  HOH B O     1 
HETATM 485 O  O     . HOH E 3 .  ? -1.986  -13.929 6.758   1.00 49.80 ? 79  HOH B O     1 
HETATM 486 O  O     . HOH E 3 .  ? -0.316  -14.488 10.971  1.00 33.87 ? 80  HOH B O     1 
HETATM 487 O  O     . HOH E 3 .  ? -5.991  -9.214  13.140  1.00 33.63 ? 81  HOH B O     1 
HETATM 488 O  O     . HOH E 3 .  ? 5.325   8.520   -10.211 1.00 42.10 ? 82  HOH B O     1 
HETATM 489 O  O     . HOH E 3 .  ? 8.425   9.567   -9.995  1.00 51.47 ? 83  HOH B O     1 
HETATM 490 O  O     . HOH E 3 .  ? 7.487   9.953   -12.735 1.00 53.65 ? 84  HOH B O     1 
HETATM 491 O  O     . HOH E 3 .  ? 3.364   -2.502  -11.059 1.00 46.25 ? 89  HOH B O     1 
HETATM 492 O  O     . HOH E 3 .  ? 3.856   -7.778  10.098  1.00 42.61 ? 92  HOH B O     1 
HETATM 493 O  O     . HOH E 3 .  ? 4.592   8.557   -3.556  1.00 58.90 ? 95  HOH B O     1 
HETATM 494 O  O     . HOH E 3 .  ? -2.019  -15.231 9.176   1.00 44.63 ? 97  HOH B O     1 
HETATM 495 O  O     . HOH E 3 .  ? -7.181  -9.459  11.694  1.00 37.51 ? 98  HOH B O     1 
HETATM 496 O  O     . HOH E 3 .  ? 11.762  2.553   -3.296  1.00 39.70 ? 104 HOH B O     1 
HETATM 497 O  O     . HOH E 3 .  ? -1.725  -15.758 2.336   1.00 47.35 ? 105 HOH B O     1 
HETATM 498 O  O     . HOH E 3 .  ? -3.453  -3.214  19.454  1.00 59.64 ? 106 HOH B O     1 
HETATM 499 O  O     . HOH E 3 .  ? -4.933  -8.594  15.634  1.00 47.03 ? 107 HOH B O     1 
HETATM 500 O  O     . HOH E 3 .  ? -16.854 -3.909  8.351   1.00 55.21 ? 111 HOH B O     1 
HETATM 501 O  O     . HOH E 3 .  ? 12.196  5.013   -4.348  1.00 38.00 ? 112 HOH B O     1 
HETATM 502 O  O     . HOH E 3 .  ? 2.853   -14.027 -0.110  1.00 44.82 ? 116 HOH B O     1 
# 
